data_5MOL
#
_entry.id   5MOL
#
_cell.length_a   130.674
_cell.length_b   75.782
_cell.length_c   79.817
_cell.angle_alpha   90.00
_cell.angle_beta   90.00
_cell.angle_gamma   90.00
#
_symmetry.space_group_name_H-M   'P 21 21 2'
#
loop_
_entity.id
_entity.type
_entity.pdbx_description
1 polymer 'Ig epsilon chain C region'
2 branched alpha-D-mannopyranose-(1-6)-alpha-D-mannopyranose-(1-6)-beta-D-mannopyranose-(1-4)-2-acetamido-2-deoxy-beta-D-glucopyranose-(1-4)-2-acetamido-2-deoxy-beta-D-glucopyranose
3 branched alpha-D-mannopyranose-(1-3)-[alpha-D-mannopyranose-(1-6)]alpha-D-mannopyranose-(1-6)-[alpha-D-mannopyranose-(1-3)]beta-D-mannopyranose-(1-4)-2-acetamido-2-deoxy-beta-D-glucopyranose-(1-4)-2-acetamido-2-deoxy-beta-D-glucopyranose
4 non-polymer 2-(2-METHOXYETHOXY)ETHANOL
5 non-polymer 1,2-ETHANEDIOL
6 non-polymer DI(HYDROXYETHYL)ETHER
7 non-polymer 2-(2-ETHOXYETHOXY)ETHANOL
8 water water
#
_entity_poly.entity_id   1
_entity_poly.type   'polypeptide(L)'
_entity_poly.pdbx_seq_one_letter_code
;DIVASRDFTPPTVKILQSSCDGGGHFPPTIQLLCLVSGYTPGTIQITWLEDGQVMDVDLSTASTTQEGELASTQSELTLS
QKHWLSDRTYTCQVTYQGHTFEDSTKKCADSNPRGVSAYLSRPSPFDLFIRKSPTITCLVVDLAPSKGTVQLTWSRASGK
PVNHSTRKEEKQRNGTLTVTSTLPVGTRDWIEGETYQCRVTHPHLPRALMRSTTKTSGPRAAPEVYAFATPEWPGSRDKR
TLACLIQNFMPEDISVQWLHNEVQLPDARHSTTQPRKTKGSGFFVFSRLEVTRAEWEQKDEFICRAVHEAASPSQTVQRA
VSVNPGK
;
_entity_poly.pdbx_strand_id   A,B
#
# COMPACT_ATOMS: atom_id res chain seq x y z
N ASP A 7 -10.75 42.36 3.48
CA ASP A 7 -10.18 41.54 2.42
C ASP A 7 -8.64 41.62 2.39
N PHE A 8 -8.00 40.53 2.78
CA PHE A 8 -6.55 40.45 2.84
C PHE A 8 -6.16 38.98 2.87
N THR A 9 -5.17 38.60 2.09
CA THR A 9 -4.68 37.21 2.04
C THR A 9 -3.22 37.20 2.48
N PRO A 10 -2.90 36.72 3.67
CA PRO A 10 -1.51 36.78 4.15
C PRO A 10 -0.63 35.80 3.40
N PRO A 11 0.68 36.02 3.39
CA PRO A 11 1.57 35.06 2.76
C PRO A 11 1.67 33.77 3.57
N THR A 12 1.92 32.68 2.86
CA THR A 12 2.26 31.39 3.47
C THR A 12 3.56 30.91 2.84
N VAL A 13 4.28 30.03 3.55
CA VAL A 13 5.57 29.54 3.11
C VAL A 13 5.50 28.03 2.99
N LYS A 14 6.05 27.48 1.91
CA LYS A 14 6.25 26.04 1.86
C LYS A 14 7.51 25.74 1.04
N ILE A 15 8.24 24.68 1.42
CA ILE A 15 9.48 24.32 0.75
C ILE A 15 9.28 22.97 0.05
N LEU A 16 9.63 22.91 -1.24
CA LEU A 16 9.72 21.68 -2.00
C LEU A 16 11.17 21.37 -2.34
N GLN A 17 11.47 20.11 -2.62
CA GLN A 17 12.86 19.74 -2.90
C GLN A 17 12.91 18.70 -4.02
N SER A 18 14.08 18.62 -4.66
CA SER A 18 14.39 17.55 -5.61
C SER A 18 14.03 16.18 -5.04
N SER A 19 13.45 15.31 -5.87
CA SER A 19 13.10 13.98 -5.42
CA SER A 19 13.08 13.97 -5.46
C SER A 19 14.24 13.00 -5.68
N CYS A 20 14.22 11.90 -4.93
CA CYS A 20 15.08 10.77 -5.23
C CYS A 20 14.48 9.99 -6.41
N ASP A 21 15.30 9.15 -7.04
CA ASP A 21 14.85 8.46 -8.24
C ASP A 21 14.08 7.20 -7.85
N GLY A 22 13.78 6.36 -8.84
CA GLY A 22 12.99 5.15 -8.63
C GLY A 22 13.67 4.08 -7.78
N GLY A 23 14.98 4.16 -7.60
CA GLY A 23 15.67 3.29 -6.65
C GLY A 23 15.92 3.93 -5.30
N GLY A 24 15.40 5.13 -5.05
CA GLY A 24 15.69 5.83 -3.82
C GLY A 24 17.03 6.54 -3.77
N HIS A 25 17.66 6.81 -4.91
CA HIS A 25 18.98 7.44 -4.95
C HIS A 25 18.87 8.95 -5.09
N PHE A 26 19.83 9.67 -4.48
CA PHE A 26 19.86 11.13 -4.55
C PHE A 26 20.42 11.58 -5.90
N PRO A 27 19.98 12.74 -6.40
CA PRO A 27 20.55 13.28 -7.65
C PRO A 27 21.86 13.99 -7.37
N PRO A 28 22.59 14.41 -8.41
CA PRO A 28 23.92 15.02 -8.18
C PRO A 28 23.88 16.30 -7.36
N THR A 29 22.82 17.10 -7.52
CA THR A 29 22.62 18.29 -6.70
C THR A 29 21.19 18.28 -6.17
N ILE A 30 20.98 19.08 -5.12
CA ILE A 30 19.67 19.20 -4.49
C ILE A 30 19.19 20.63 -4.68
N GLN A 31 17.99 20.80 -5.25
CA GLN A 31 17.32 22.10 -5.28
C GLN A 31 16.28 22.17 -4.16
N LEU A 32 16.27 23.27 -3.43
CA LEU A 32 15.16 23.59 -2.53
C LEU A 32 14.40 24.77 -3.14
N LEU A 33 13.07 24.67 -3.16
CA LEU A 33 12.24 25.68 -3.80
C LEU A 33 11.29 26.25 -2.76
N CYS A 34 11.49 27.51 -2.37
CA CYS A 34 10.63 28.15 -1.40
C CYS A 34 9.51 28.87 -2.13
N LEU A 35 8.26 28.55 -1.80
CA LEU A 35 7.09 29.11 -2.48
C LEU A 35 6.24 29.94 -1.53
N VAL A 36 5.91 31.17 -1.95
CA VAL A 36 5.00 32.09 -1.25
C VAL A 36 3.84 32.35 -2.22
N SER A 37 2.80 31.51 -2.18
CA SER A 37 1.84 31.46 -3.29
C SER A 37 0.53 32.16 -2.92
N GLY A 38 0.12 33.14 -3.73
CA GLY A 38 -1.20 33.72 -3.61
C GLY A 38 -1.42 34.62 -2.40
N TYR A 39 -0.88 35.83 -2.42
CA TYR A 39 -0.95 36.72 -1.27
C TYR A 39 -1.18 38.15 -1.76
N THR A 40 -1.72 38.99 -0.87
CA THR A 40 -1.98 40.38 -1.23
C THR A 40 -0.64 41.07 -1.53
N PRO A 41 -0.51 41.77 -2.67
CA PRO A 41 0.79 42.33 -3.04
C PRO A 41 1.35 43.32 -2.01
N GLY A 42 2.67 43.32 -1.89
CA GLY A 42 3.37 44.26 -1.00
C GLY A 42 4.85 43.99 -1.07
N THR A 43 5.63 44.70 -0.24
CA THR A 43 7.10 44.52 -0.30
C THR A 43 7.48 43.12 0.17
N ILE A 44 8.43 42.48 -0.52
CA ILE A 44 8.79 41.12 -0.13
C ILE A 44 10.27 40.86 -0.37
N GLN A 45 10.85 40.09 0.55
CA GLN A 45 12.25 39.63 0.46
C GLN A 45 12.29 38.16 0.86
N ILE A 46 13.15 37.37 0.19
CA ILE A 46 13.39 35.98 0.58
C ILE A 46 14.88 35.80 0.81
N THR A 47 15.23 35.33 2.02
CA THR A 47 16.60 35.06 2.45
C THR A 47 16.72 33.61 2.89
N TRP A 48 17.82 32.95 2.53
CA TRP A 48 18.08 31.58 2.98
C TRP A 48 19.14 31.58 4.09
N LEU A 49 18.89 30.79 5.14
CA LEU A 49 19.85 30.57 6.21
C LEU A 49 20.36 29.13 6.18
N GLU A 50 21.65 28.95 6.48
CA GLU A 50 22.25 27.63 6.67
C GLU A 50 22.69 27.56 8.13
N ASP A 51 22.08 26.66 8.91
CA ASP A 51 22.28 26.62 10.36
C ASP A 51 22.24 28.03 10.97
N GLY A 52 21.21 28.78 10.60
CA GLY A 52 20.94 30.10 11.19
C GLY A 52 21.78 31.25 10.70
N GLN A 53 22.70 31.03 9.74
CA GLN A 53 23.51 32.09 9.15
C GLN A 53 23.07 32.40 7.72
N VAL A 54 23.05 33.70 7.37
CA VAL A 54 22.62 34.14 6.03
C VAL A 54 23.56 33.61 4.95
N MET A 55 23.01 32.96 3.92
CA MET A 55 23.78 32.42 2.82
C MET A 55 24.06 33.49 1.76
N ASP A 56 25.18 33.31 1.04
CA ASP A 56 25.61 34.28 0.04
C ASP A 56 24.50 34.61 -0.96
N VAL A 57 24.43 35.90 -1.31
CA VAL A 57 23.35 36.39 -2.15
C VAL A 57 23.37 35.72 -3.53
N ASP A 58 24.55 35.31 -4.02
CA ASP A 58 24.60 34.75 -5.35
C ASP A 58 24.10 33.30 -5.42
N LEU A 59 23.76 32.70 -4.30
CA LEU A 59 23.37 31.29 -4.30
C LEU A 59 21.88 31.07 -4.57
N SER A 60 21.07 32.12 -4.69
CA SER A 60 19.63 31.94 -4.90
C SER A 60 19.04 33.11 -5.66
N THR A 61 17.99 32.83 -6.43
CA THR A 61 17.30 33.86 -7.21
C THR A 61 15.80 33.79 -6.94
N ALA A 62 15.22 34.96 -6.69
CA ALA A 62 13.80 35.11 -6.37
C ALA A 62 13.11 35.89 -7.48
N SER A 63 11.85 35.53 -7.74
CA SER A 63 11.03 36.23 -8.73
C SER A 63 9.59 36.24 -8.26
N THR A 64 8.83 37.25 -8.72
CA THR A 64 7.46 37.49 -8.29
C THR A 64 6.57 37.75 -9.51
N THR A 65 5.38 37.16 -9.52
CA THR A 65 4.39 37.47 -10.55
C THR A 65 3.06 37.83 -9.89
N GLN A 66 2.15 38.42 -10.66
CA GLN A 66 0.82 38.75 -10.16
C GLN A 66 -0.25 38.23 -11.12
N GLU A 67 -1.36 37.74 -10.54
CA GLU A 67 -2.53 37.27 -11.30
C GLU A 67 -3.78 37.72 -10.56
N GLY A 68 -4.56 38.60 -11.17
CA GLY A 68 -5.71 39.15 -10.47
C GLY A 68 -5.28 39.95 -9.25
N GLU A 69 -5.93 39.71 -8.11
CA GLU A 69 -5.65 40.43 -6.88
CA GLU A 69 -5.66 40.42 -6.87
C GLU A 69 -4.53 39.81 -6.05
N LEU A 70 -3.82 38.79 -6.57
CA LEU A 70 -2.87 38.05 -5.75
C LEU A 70 -1.50 37.88 -6.44
N ALA A 71 -0.43 38.08 -5.67
CA ALA A 71 0.93 37.87 -6.15
C ALA A 71 1.41 36.48 -5.76
N SER A 72 2.44 36.01 -6.44
CA SER A 72 3.13 34.79 -6.02
C SER A 72 4.63 34.97 -6.21
N THR A 73 5.41 34.48 -5.24
CA THR A 73 6.86 34.62 -5.22
C THR A 73 7.51 33.26 -4.98
N GLN A 74 8.67 33.04 -5.61
CA GLN A 74 9.43 31.82 -5.39
C GLN A 74 10.93 32.11 -5.35
N SER A 75 11.67 31.25 -4.68
CA SER A 75 13.14 31.34 -4.64
C SER A 75 13.75 29.95 -4.66
N GLU A 76 14.78 29.74 -5.49
CA GLU A 76 15.41 28.43 -5.63
C GLU A 76 16.86 28.47 -5.17
N LEU A 77 17.22 27.54 -4.27
CA LEU A 77 18.57 27.39 -3.73
C LEU A 77 19.13 26.05 -4.19
N THR A 78 20.35 26.03 -4.71
CA THR A 78 20.99 24.77 -5.13
C THR A 78 22.09 24.43 -4.14
N LEU A 79 22.08 23.17 -3.66
CA LEU A 79 23.06 22.61 -2.73
C LEU A 79 23.79 21.43 -3.35
N SER A 80 25.05 21.24 -2.97
CA SER A 80 25.73 20.00 -3.31
C SER A 80 25.13 18.83 -2.53
N GLN A 81 25.21 17.63 -3.11
CA GLN A 81 24.78 16.43 -2.40
C GLN A 81 25.47 16.30 -1.05
N LYS A 82 26.78 16.59 -1.00
CA LYS A 82 27.53 16.47 0.24
C LYS A 82 26.99 17.38 1.34
N HIS A 83 26.70 18.65 1.02
CA HIS A 83 26.12 19.52 2.04
C HIS A 83 24.76 19.04 2.49
N TRP A 84 23.89 18.66 1.55
CA TRP A 84 22.58 18.15 1.96
C TRP A 84 22.73 16.97 2.90
N LEU A 85 23.68 16.07 2.60
CA LEU A 85 23.82 14.86 3.40
C LEU A 85 24.51 15.10 4.74
N SER A 86 25.06 16.30 4.98
CA SER A 86 25.70 16.59 6.25
C SER A 86 24.70 16.90 7.37
N ASP A 87 23.40 16.93 7.07
CA ASP A 87 22.34 17.14 8.07
C ASP A 87 22.26 18.58 8.58
N ARG A 88 22.76 19.53 7.81
CA ARG A 88 22.54 20.94 8.14
C ARG A 88 21.07 21.34 7.94
N THR A 89 20.64 22.39 8.65
CA THR A 89 19.26 22.88 8.57
C THR A 89 19.21 24.09 7.66
N TYR A 90 18.27 24.10 6.70
CA TYR A 90 18.09 25.22 5.76
C TYR A 90 16.76 25.93 6.04
N THR A 91 16.79 27.25 6.21
CA THR A 91 15.60 28.03 6.56
C THR A 91 15.26 29.02 5.45
N CYS A 92 14.01 29.02 4.99
CA CYS A 92 13.52 30.04 4.06
C CYS A 92 12.90 31.14 4.91
N GLN A 93 13.47 32.36 4.86
CA GLN A 93 13.06 33.47 5.70
C GLN A 93 12.42 34.54 4.82
N VAL A 94 11.12 34.75 4.98
CA VAL A 94 10.34 35.64 4.12
C VAL A 94 9.97 36.87 4.93
N THR A 95 10.30 38.06 4.43
CA THR A 95 9.93 39.32 5.09
C THR A 95 8.96 40.04 4.18
N TYR A 96 7.72 40.20 4.64
CA TYR A 96 6.62 40.76 3.87
C TYR A 96 6.08 41.97 4.63
N GLN A 97 6.12 43.15 4.01
CA GLN A 97 5.68 44.39 4.65
C GLN A 97 6.35 44.59 6.02
N GLY A 98 7.62 44.20 6.12
CA GLY A 98 8.35 44.36 7.37
C GLY A 98 8.21 43.23 8.40
N HIS A 99 7.34 42.23 8.17
CA HIS A 99 7.15 41.12 9.11
C HIS A 99 7.72 39.80 8.59
N THR A 100 8.22 38.96 9.50
CA THR A 100 8.96 37.76 9.13
C THR A 100 8.14 36.48 9.29
N PHE A 101 8.21 35.62 8.26
CA PHE A 101 7.60 34.28 8.20
C PHE A 101 8.72 33.29 7.84
N GLU A 102 8.79 32.15 8.55
CA GLU A 102 9.90 31.20 8.35
C GLU A 102 9.37 29.78 8.20
N ASP A 103 10.07 28.95 7.40
CA ASP A 103 9.94 27.49 7.44
C ASP A 103 11.33 26.89 7.24
N SER A 104 11.51 25.63 7.65
CA SER A 104 12.85 25.03 7.63
C SER A 104 12.78 23.57 7.20
N THR A 105 13.93 23.04 6.76
CA THR A 105 14.02 21.65 6.29
C THR A 105 15.45 21.15 6.50
N LYS A 106 15.57 19.82 6.51
CA LYS A 106 16.85 19.12 6.43
C LYS A 106 16.54 17.75 5.83
N LYS A 107 17.58 17.02 5.49
CA LYS A 107 17.37 15.72 4.85
C LYS A 107 16.53 14.79 5.73
N CYS A 108 15.66 14.00 5.09
CA CYS A 108 14.76 13.16 5.86
C CYS A 108 15.54 12.12 6.63
N ALA A 109 15.16 11.93 7.89
CA ALA A 109 15.81 10.97 8.76
C ALA A 109 15.46 9.54 8.34
N ASP A 110 16.26 8.58 8.80
CA ASP A 110 16.01 7.18 8.41
C ASP A 110 14.63 6.75 8.86
N SER A 111 13.96 5.97 8.01
CA SER A 111 12.62 5.51 8.33
CA SER A 111 12.61 5.49 8.30
C SER A 111 12.62 4.21 9.13
N ASN A 112 13.68 3.41 9.06
CA ASN A 112 13.77 2.16 9.80
C ASN A 112 15.10 2.09 10.54
N PRO A 113 15.32 2.99 11.50
CA PRO A 113 16.62 3.03 12.18
C PRO A 113 16.85 1.78 12.99
N ARG A 114 18.01 1.13 12.76
CA ARG A 114 18.38 -0.11 13.43
C ARG A 114 17.36 -1.22 13.19
N GLY A 115 16.66 -1.18 12.05
CA GLY A 115 15.71 -2.23 11.72
C GLY A 115 14.32 -2.07 12.30
N VAL A 116 14.11 -1.05 13.15
CA VAL A 116 12.80 -0.78 13.74
C VAL A 116 11.80 -0.36 12.67
N SER A 117 10.52 -0.65 12.91
CA SER A 117 9.41 -0.07 12.16
C SER A 117 8.45 0.62 13.12
N ALA A 118 7.77 1.67 12.64
CA ALA A 118 6.74 2.36 13.40
C ALA A 118 5.54 2.66 12.49
N TYR A 119 4.33 2.49 13.03
CA TYR A 119 3.08 2.65 12.29
C TYR A 119 2.08 3.46 13.10
N LEU A 120 1.26 4.26 12.40
CA LEU A 120 0.29 5.15 13.06
C LEU A 120 -1.01 5.16 12.28
N SER A 121 -2.10 4.74 12.93
CA SER A 121 -3.38 4.51 12.27
C SER A 121 -4.28 5.75 12.33
N ARG A 122 -5.35 5.74 11.53
CA ARG A 122 -6.45 6.69 11.63
C ARG A 122 -7.59 6.09 12.44
N PRO A 123 -8.55 6.87 12.93
CA PRO A 123 -9.66 6.27 13.70
C PRO A 123 -10.46 5.29 12.84
N SER A 124 -11.06 4.29 13.50
CA SER A 124 -11.96 3.45 12.74
C SER A 124 -13.28 4.19 12.53
N PRO A 125 -13.93 4.03 11.37
CA PRO A 125 -15.18 4.76 11.14
C PRO A 125 -16.29 4.42 12.14
N PHE A 126 -16.36 3.17 12.62
CA PHE A 126 -17.36 2.84 13.64
C PHE A 126 -17.13 3.64 14.91
N ASP A 127 -15.87 3.70 15.38
CA ASP A 127 -15.56 4.49 16.57
C ASP A 127 -15.85 5.97 16.33
N LEU A 128 -15.57 6.46 15.13
CA LEU A 128 -15.68 7.90 14.85
C LEU A 128 -17.13 8.33 14.72
N PHE A 129 -17.93 7.60 13.92
CA PHE A 129 -19.27 8.06 13.58
C PHE A 129 -20.38 7.39 14.38
N ILE A 130 -20.15 6.18 14.92
CA ILE A 130 -21.20 5.46 15.64
C ILE A 130 -21.02 5.58 17.15
N ARG A 131 -19.84 5.17 17.66
CA ARG A 131 -19.59 5.30 19.10
C ARG A 131 -19.25 6.74 19.49
N LYS A 132 -18.77 7.53 18.54
CA LYS A 132 -18.29 8.90 18.79
C LYS A 132 -17.21 8.93 19.87
N SER A 133 -16.32 7.94 19.83
CA SER A 133 -15.12 7.91 20.67
C SER A 133 -13.95 7.45 19.81
N PRO A 134 -13.46 8.30 18.91
CA PRO A 134 -12.36 7.88 18.03
C PRO A 134 -11.02 7.82 18.76
N THR A 135 -10.17 6.88 18.32
CA THR A 135 -8.82 6.70 18.84
C THR A 135 -7.86 6.49 17.68
N ILE A 136 -6.57 6.78 17.90
CA ILE A 136 -5.52 6.42 16.97
C ILE A 136 -4.47 5.61 17.73
N THR A 137 -3.72 4.80 17.00
CA THR A 137 -2.80 3.85 17.63
C THR A 137 -1.43 3.91 16.97
N CYS A 138 -0.40 4.00 17.80
CA CYS A 138 1.00 4.06 17.37
C CYS A 138 1.66 2.76 17.79
N LEU A 139 2.23 2.04 16.83
CA LEU A 139 2.82 0.73 17.07
C LEU A 139 4.27 0.75 16.62
N VAL A 140 5.17 0.28 17.49
CA VAL A 140 6.61 0.27 17.22
C VAL A 140 7.09 -1.17 17.34
N VAL A 141 7.71 -1.69 16.29
CA VAL A 141 8.09 -3.10 16.25
C VAL A 141 9.59 -3.23 16.06
N ASP A 142 10.11 -4.40 16.44
CA ASP A 142 11.50 -4.80 16.22
C ASP A 142 12.48 -3.98 17.05
N LEU A 143 12.06 -3.54 18.24
CA LEU A 143 12.99 -2.92 19.18
C LEU A 143 13.82 -4.00 19.88
N ALA A 144 14.96 -3.58 20.41
CA ALA A 144 15.80 -4.47 21.19
C ALA A 144 15.27 -4.60 22.61
N PRO A 145 15.40 -5.79 23.23
CA PRO A 145 14.92 -5.95 24.60
C PRO A 145 15.88 -5.34 25.63
N SER A 146 16.60 -4.29 25.24
CA SER A 146 17.61 -3.70 26.11
C SER A 146 16.95 -2.93 27.25
N LYS A 147 17.77 -2.42 28.15
CA LYS A 147 17.29 -1.61 29.26
C LYS A 147 16.92 -0.20 28.76
N GLY A 148 16.34 0.59 29.67
CA GLY A 148 15.89 1.92 29.30
C GLY A 148 14.56 1.87 28.57
N THR A 149 13.49 2.22 29.26
CA THR A 149 12.14 2.10 28.69
C THR A 149 11.99 3.00 27.47
N VAL A 150 11.30 2.49 26.46
CA VAL A 150 11.00 3.28 25.27
C VAL A 150 9.98 4.36 25.63
N GLN A 151 10.32 5.60 25.31
CA GLN A 151 9.47 6.74 25.61
C GLN A 151 8.62 7.09 24.40
N LEU A 152 7.32 7.21 24.61
CA LEU A 152 6.38 7.53 23.55
C LEU A 152 5.57 8.73 24.00
N THR A 153 5.53 9.77 23.15
CA THR A 153 4.87 11.02 23.48
C THR A 153 3.97 11.46 22.33
N TRP A 154 2.81 12.01 22.67
CA TRP A 154 1.82 12.46 21.70
C TRP A 154 1.78 13.98 21.66
N SER A 155 1.39 14.53 20.50
CA SER A 155 1.22 15.96 20.34
C SER A 155 0.38 16.26 19.11
N ARG A 156 -0.16 17.48 19.06
CA ARG A 156 -0.91 17.97 17.92
C ARG A 156 -0.07 19.01 17.17
N ALA A 157 -0.22 19.06 15.84
CA ALA A 157 0.54 20.02 15.07
C ALA A 157 0.20 21.45 15.46
N SER A 158 -1.02 21.67 15.94
CA SER A 158 -1.46 22.98 16.40
C SER A 158 -0.96 23.33 17.79
N GLY A 159 -0.39 22.37 18.51
CA GLY A 159 0.06 22.61 19.87
C GLY A 159 -1.02 22.57 20.92
N LYS A 160 -2.27 22.34 20.54
CA LYS A 160 -3.34 22.21 21.52
C LYS A 160 -3.14 20.91 22.33
N PRO A 161 -3.77 20.81 23.50
CA PRO A 161 -3.46 19.68 24.39
C PRO A 161 -3.99 18.34 23.90
N VAL A 162 -3.32 17.28 24.34
CA VAL A 162 -3.74 15.92 24.08
C VAL A 162 -4.04 15.25 25.43
N ASN A 163 -4.83 14.19 25.38
CA ASN A 163 -5.14 13.42 26.56
C ASN A 163 -3.99 12.47 26.91
N HIS A 164 -4.13 11.77 28.03
CA HIS A 164 -3.25 10.65 28.33
C HIS A 164 -3.53 9.51 27.38
N SER A 165 -2.53 8.66 27.16
CA SER A 165 -2.69 7.52 26.28
C SER A 165 -2.41 6.22 27.04
N THR A 166 -2.71 5.11 26.37
CA THR A 166 -2.31 3.81 26.88
C THR A 166 -0.89 3.49 26.43
N ARG A 167 -0.25 2.57 27.14
CA ARG A 167 1.09 2.11 26.81
C ARG A 167 1.19 0.65 27.16
N LYS A 168 1.66 -0.16 26.23
CA LYS A 168 1.78 -1.59 26.48
C LYS A 168 3.04 -2.11 25.79
N GLU A 169 3.79 -2.93 26.51
CA GLU A 169 4.95 -3.62 25.96
C GLU A 169 4.76 -5.11 26.15
N GLU A 170 5.30 -5.88 25.22
CA GLU A 170 5.47 -7.30 25.47
C GLU A 170 6.57 -7.84 24.57
N LYS A 171 7.44 -8.65 25.16
CA LYS A 171 8.49 -9.31 24.40
C LYS A 171 7.87 -10.38 23.52
N GLN A 172 8.38 -10.49 22.29
CA GLN A 172 7.84 -11.43 21.32
C GLN A 172 8.66 -12.71 21.32
N ARG A 173 8.09 -13.75 20.69
CA ARG A 173 8.76 -15.04 20.65
C ARG A 173 10.08 -14.98 19.89
N ASN A 174 10.27 -13.99 19.02
CA ASN A 174 11.51 -13.86 18.27
C ASN A 174 12.54 -12.98 18.97
N GLY A 175 12.34 -12.65 20.25
CA GLY A 175 13.31 -11.89 21.00
C GLY A 175 13.23 -10.38 20.84
N THR A 176 12.24 -9.88 20.13
CA THR A 176 12.07 -8.45 19.95
C THR A 176 11.06 -7.90 20.96
N LEU A 177 10.94 -6.58 20.99
CA LEU A 177 10.01 -5.90 21.88
C LEU A 177 9.14 -4.96 21.06
N THR A 178 7.83 -5.04 21.25
CA THR A 178 6.90 -4.13 20.62
C THR A 178 6.27 -3.21 21.67
N VAL A 179 6.12 -1.95 21.31
CA VAL A 179 5.47 -0.94 22.15
C VAL A 179 4.25 -0.43 21.40
N THR A 180 3.11 -0.36 22.09
CA THR A 180 1.86 0.12 21.51
C THR A 180 1.25 1.18 22.41
N SER A 181 0.74 2.24 21.80
CA SER A 181 0.03 3.30 22.51
C SER A 181 -1.21 3.67 21.72
N THR A 182 -2.29 3.95 22.43
CA THR A 182 -3.55 4.36 21.81
C THR A 182 -4.00 5.68 22.43
N LEU A 183 -4.25 6.68 21.58
CA LEU A 183 -4.63 8.02 22.01
C LEU A 183 -6.07 8.31 21.64
N PRO A 184 -6.92 8.75 22.57
CA PRO A 184 -8.25 9.23 22.21
C PRO A 184 -8.17 10.64 21.64
N VAL A 185 -8.99 10.91 20.60
CA VAL A 185 -9.00 12.19 19.93
C VAL A 185 -10.42 12.75 19.89
N GLY A 186 -10.52 14.07 19.76
CA GLY A 186 -11.81 14.71 19.65
C GLY A 186 -12.47 14.44 18.31
N THR A 187 -13.78 14.18 18.36
CA THR A 187 -14.53 13.89 17.14
C THR A 187 -14.51 15.08 16.19
N ARG A 188 -14.86 16.27 16.69
CA ARG A 188 -14.84 17.46 15.84
C ARG A 188 -13.42 17.83 15.43
N ASP A 189 -12.47 17.76 16.37
CA ASP A 189 -11.06 18.03 16.06
C ASP A 189 -10.57 17.20 14.88
N TRP A 190 -10.87 15.90 14.87
CA TRP A 190 -10.42 15.05 13.79
C TRP A 190 -11.09 15.42 12.46
N ILE A 191 -12.41 15.59 12.49
CA ILE A 191 -13.17 15.79 11.26
C ILE A 191 -12.76 17.08 10.57
N GLU A 192 -12.33 18.08 11.34
CA GLU A 192 -11.90 19.37 10.80
C GLU A 192 -10.42 19.42 10.42
N GLY A 193 -9.71 18.29 10.48
CA GLY A 193 -8.40 18.19 9.88
C GLY A 193 -7.20 18.41 10.77
N GLU A 194 -7.30 18.17 12.07
CA GLU A 194 -6.12 18.25 12.94
C GLU A 194 -5.10 17.18 12.56
N THR A 195 -3.83 17.48 12.82
CA THR A 195 -2.74 16.53 12.62
C THR A 195 -2.22 16.05 13.98
N TYR A 196 -2.08 14.74 14.14
CA TYR A 196 -1.62 14.14 15.38
C TYR A 196 -0.28 13.44 15.16
N GLN A 197 0.60 13.53 16.15
CA GLN A 197 1.99 13.11 16.01
C GLN A 197 2.39 12.18 17.13
N CYS A 198 3.01 11.06 16.77
CA CYS A 198 3.56 10.09 17.71
C CYS A 198 5.08 10.16 17.63
N ARG A 199 5.72 10.32 18.79
CA ARG A 199 7.17 10.55 18.87
C ARG A 199 7.77 9.51 19.81
N VAL A 200 8.77 8.77 19.33
CA VAL A 200 9.35 7.66 20.07
C VAL A 200 10.84 7.88 20.24
N THR A 201 11.33 7.71 21.48
CA THR A 201 12.74 7.80 21.79
C THR A 201 13.15 6.54 22.54
N HIS A 202 14.18 5.86 22.05
CA HIS A 202 14.77 4.73 22.73
C HIS A 202 16.23 5.04 23.03
N PRO A 203 16.78 4.49 24.12
CA PRO A 203 18.17 4.83 24.47
C PRO A 203 19.17 4.43 23.41
N HIS A 204 18.91 3.36 22.66
CA HIS A 204 19.82 2.90 21.61
C HIS A 204 19.61 3.61 20.27
N LEU A 205 18.46 4.29 20.08
CA LEU A 205 18.22 5.02 18.84
C LEU A 205 18.97 6.35 18.87
N PRO A 206 19.54 6.78 17.74
CA PRO A 206 20.37 7.99 17.74
C PRO A 206 19.56 9.27 17.79
N ARG A 207 18.33 9.25 17.26
CA ARG A 207 17.48 10.43 17.28
C ARG A 207 16.03 9.98 17.38
N ALA A 208 15.16 10.94 17.69
CA ALA A 208 13.74 10.66 17.85
C ALA A 208 13.12 10.24 16.52
N LEU A 209 12.14 9.34 16.59
CA LEU A 209 11.41 8.85 15.43
C LEU A 209 9.97 9.32 15.53
N MET A 210 9.42 9.89 14.45
CA MET A 210 8.07 10.46 14.50
C MET A 210 7.18 9.94 13.38
N ARG A 211 5.89 9.80 13.68
CA ARG A 211 4.86 9.48 12.69
C ARG A 211 3.71 10.47 12.87
N SER A 212 3.06 10.84 11.77
CA SER A 212 1.97 11.81 11.80
C SER A 212 0.78 11.31 10.99
N THR A 213 -0.44 11.66 11.43
CA THR A 213 -1.64 11.23 10.73
C THR A 213 -2.69 12.32 10.74
N THR A 214 -3.52 12.32 9.69
CA THR A 214 -4.60 13.28 9.50
C THR A 214 -5.63 12.69 8.55
N LYS A 215 -6.80 13.34 8.46
CA LYS A 215 -7.85 12.82 7.59
C LYS A 215 -7.43 12.92 6.13
N THR A 216 -8.04 12.09 5.30
CA THR A 216 -7.67 12.04 3.88
C THR A 216 -8.00 13.37 3.18
N SER A 217 -7.19 13.69 2.18
CA SER A 217 -7.40 14.89 1.37
C SER A 217 -7.90 14.58 -0.03
N GLY A 218 -8.21 13.33 -0.33
CA GLY A 218 -8.62 12.96 -1.66
C GLY A 218 -10.12 13.03 -1.90
N PRO A 219 -10.58 12.46 -3.01
CA PRO A 219 -12.01 12.37 -3.24
C PRO A 219 -12.63 11.29 -2.36
N ARG A 220 -13.95 11.40 -2.20
CA ARG A 220 -14.71 10.46 -1.39
C ARG A 220 -15.78 9.78 -2.23
N ALA A 221 -15.97 8.49 -1.99
CA ALA A 221 -16.99 7.71 -2.70
C ALA A 221 -17.54 6.64 -1.78
N ALA A 222 -18.88 6.52 -1.69
CA ALA A 222 -19.49 5.58 -0.76
C ALA A 222 -19.42 4.15 -1.28
N PRO A 223 -19.41 3.17 -0.39
CA PRO A 223 -19.28 1.78 -0.82
C PRO A 223 -20.57 1.19 -1.37
N GLU A 224 -20.40 0.27 -2.34
CA GLU A 224 -21.44 -0.64 -2.76
C GLU A 224 -21.37 -1.89 -1.89
N VAL A 225 -22.52 -2.42 -1.48
CA VAL A 225 -22.58 -3.58 -0.58
C VAL A 225 -23.44 -4.69 -1.19
N TYR A 226 -22.86 -5.89 -1.33
CA TYR A 226 -23.55 -7.06 -1.86
C TYR A 226 -23.37 -8.23 -0.90
N ALA A 227 -24.43 -9.00 -0.64
CA ALA A 227 -24.35 -10.09 0.33
C ALA A 227 -24.96 -11.36 -0.25
N PHE A 228 -24.28 -12.50 -0.06
CA PHE A 228 -24.65 -13.80 -0.64
C PHE A 228 -24.64 -14.89 0.42
N ALA A 229 -25.53 -15.87 0.27
CA ALA A 229 -25.55 -17.08 1.10
C ALA A 229 -25.07 -18.29 0.29
N THR A 230 -24.18 -19.08 0.85
CA THR A 230 -23.77 -20.30 0.16
C THR A 230 -24.93 -21.30 0.09
N PRO A 231 -25.04 -22.05 -1.01
CA PRO A 231 -25.95 -23.20 -1.01
C PRO A 231 -25.41 -24.29 -0.11
N GLU A 232 -26.29 -25.21 0.24
CA GLU A 232 -25.89 -26.34 1.08
C GLU A 232 -24.85 -27.19 0.37
N TRP A 233 -23.76 -27.53 1.10
CA TRP A 233 -22.69 -28.43 0.67
C TRP A 233 -22.91 -29.81 1.27
N PRO A 234 -22.73 -30.86 0.45
CA PRO A 234 -23.04 -32.23 0.90
C PRO A 234 -22.30 -32.59 2.18
N GLY A 235 -23.04 -33.06 3.17
CA GLY A 235 -22.49 -33.38 4.47
C GLY A 235 -22.54 -32.28 5.52
N SER A 236 -23.09 -31.10 5.19
CA SER A 236 -23.16 -29.94 6.12
C SER A 236 -24.60 -29.37 6.16
N ARG A 237 -25.55 -30.19 6.62
CA ARG A 237 -26.97 -29.78 6.58
C ARG A 237 -27.29 -28.59 7.48
N ASP A 238 -26.54 -28.39 8.57
CA ASP A 238 -26.93 -27.45 9.62
C ASP A 238 -26.07 -26.20 9.67
N LYS A 239 -25.27 -25.93 8.63
CA LYS A 239 -24.47 -24.73 8.61
C LYS A 239 -24.50 -24.12 7.21
N ARG A 240 -24.38 -22.80 7.18
CA ARG A 240 -24.20 -22.07 5.94
C ARG A 240 -23.18 -20.97 6.21
N THR A 241 -22.62 -20.45 5.13
CA THR A 241 -21.71 -19.32 5.20
C THR A 241 -22.29 -18.15 4.42
N LEU A 242 -22.26 -16.96 5.02
CA LEU A 242 -22.66 -15.74 4.34
C LEU A 242 -21.40 -14.97 3.95
N ALA A 243 -21.38 -14.43 2.74
CA ALA A 243 -20.26 -13.66 2.24
C ALA A 243 -20.75 -12.29 1.80
N CYS A 244 -20.01 -11.25 2.17
CA CYS A 244 -20.35 -9.87 1.83
C CYS A 244 -19.18 -9.22 1.10
N LEU A 245 -19.43 -8.65 -0.08
CA LEU A 245 -18.44 -7.91 -0.85
C LEU A 245 -18.79 -6.42 -0.80
N ILE A 246 -17.84 -5.61 -0.34
CA ILE A 246 -18.02 -4.16 -0.17
C ILE A 246 -16.94 -3.49 -1.03
N GLN A 247 -17.34 -2.63 -1.97
CA GLN A 247 -16.38 -2.22 -2.97
C GLN A 247 -16.61 -0.82 -3.53
N ASN A 248 -15.53 -0.30 -4.12
CA ASN A 248 -15.44 0.96 -4.87
C ASN A 248 -15.56 2.20 -3.96
N PHE A 249 -15.19 2.08 -2.70
CA PHE A 249 -15.20 3.20 -1.77
C PHE A 249 -13.85 3.90 -1.71
N MET A 250 -13.89 5.20 -1.33
CA MET A 250 -12.70 6.03 -1.14
C MET A 250 -12.98 7.02 -0.03
N PRO A 251 -12.03 7.22 0.89
CA PRO A 251 -10.72 6.56 1.07
C PRO A 251 -10.87 5.13 1.60
N GLU A 252 -9.75 4.49 1.98
CA GLU A 252 -9.78 3.06 2.29
C GLU A 252 -10.32 2.72 3.69
N ASP A 253 -10.51 3.69 4.58
CA ASP A 253 -10.88 3.34 5.95
C ASP A 253 -12.35 2.93 6.02
N ILE A 254 -12.62 1.76 6.62
CA ILE A 254 -13.99 1.25 6.63
C ILE A 254 -14.17 0.33 7.83
N SER A 255 -15.40 0.30 8.38
CA SER A 255 -15.75 -0.66 9.41
C SER A 255 -16.90 -1.54 8.94
N VAL A 256 -16.87 -2.83 9.30
CA VAL A 256 -17.93 -3.77 8.91
C VAL A 256 -18.54 -4.42 10.15
N GLN A 257 -19.87 -4.47 10.21
CA GLN A 257 -20.61 -5.15 11.26
C GLN A 257 -21.64 -6.10 10.66
N TRP A 258 -22.00 -7.14 11.43
CA TRP A 258 -23.11 -8.03 11.08
C TRP A 258 -24.17 -7.95 12.15
N LEU A 259 -25.45 -7.94 11.74
CA LEU A 259 -26.57 -7.92 12.67
C LEU A 259 -27.53 -9.07 12.40
N HIS A 260 -28.11 -9.61 13.48
CA HIS A 260 -29.14 -10.62 13.42
C HIS A 260 -30.14 -10.31 14.52
N ASN A 261 -31.44 -10.26 14.17
CA ASN A 261 -32.51 -9.96 15.12
C ASN A 261 -32.36 -8.58 15.74
N GLU A 262 -32.02 -7.58 14.92
CA GLU A 262 -31.85 -6.18 15.29
C GLU A 262 -30.68 -5.97 16.24
N VAL A 263 -29.89 -6.98 16.57
CA VAL A 263 -28.77 -6.84 17.50
C VAL A 263 -27.47 -7.13 16.77
N GLN A 264 -26.44 -6.35 17.09
CA GLN A 264 -25.15 -6.49 16.46
C GLN A 264 -24.41 -7.69 17.02
N LEU A 265 -23.90 -8.55 16.14
CA LEU A 265 -23.21 -9.75 16.58
C LEU A 265 -21.82 -9.42 17.11
N PRO A 266 -21.30 -10.22 18.04
CA PRO A 266 -19.93 -10.01 18.52
C PRO A 266 -18.93 -10.03 17.38
N ASP A 267 -17.88 -9.21 17.53
CA ASP A 267 -16.87 -9.11 16.48
C ASP A 267 -16.16 -10.44 16.23
N ALA A 268 -16.06 -11.28 17.27
CA ALA A 268 -15.40 -12.58 17.11
C ALA A 268 -16.13 -13.51 16.16
N ARG A 269 -17.38 -13.20 15.79
CA ARG A 269 -18.18 -14.10 14.95
C ARG A 269 -17.76 -14.07 13.48
N HIS A 270 -17.11 -13.02 13.03
CA HIS A 270 -16.84 -12.86 11.60
C HIS A 270 -15.40 -12.41 11.37
N SER A 271 -15.02 -12.43 10.10
CA SER A 271 -13.70 -12.00 9.64
CA SER A 271 -13.70 -12.01 9.64
C SER A 271 -13.87 -11.07 8.45
N THR A 272 -13.05 -10.02 8.41
CA THR A 272 -13.06 -9.10 7.29
C THR A 272 -11.64 -8.93 6.77
N THR A 273 -11.48 -8.93 5.43
CA THR A 273 -10.16 -8.79 4.85
C THR A 273 -9.69 -7.33 4.92
N GLN A 274 -8.41 -7.11 4.63
CA GLN A 274 -7.87 -5.76 4.62
C GLN A 274 -8.18 -5.07 3.29
N PRO A 275 -8.37 -3.75 3.28
CA PRO A 275 -8.72 -3.06 2.04
C PRO A 275 -7.63 -3.21 0.99
N ARG A 276 -8.05 -3.54 -0.24
CA ARG A 276 -7.18 -3.70 -1.40
C ARG A 276 -7.74 -2.92 -2.57
N LYS A 277 -6.88 -2.45 -3.46
CA LYS A 277 -7.34 -1.64 -4.59
C LYS A 277 -8.11 -2.49 -5.59
N THR A 278 -9.19 -1.92 -6.13
CA THR A 278 -9.87 -2.46 -7.30
C THR A 278 -8.99 -2.24 -8.53
N LYS A 279 -9.54 -2.53 -9.72
CA LYS A 279 -8.79 -2.27 -10.95
C LYS A 279 -8.74 -0.78 -11.28
N GLY A 280 -9.74 -0.01 -10.86
CA GLY A 280 -9.73 1.41 -11.11
C GLY A 280 -9.67 2.22 -9.82
N SER A 281 -10.72 2.99 -9.57
CA SER A 281 -10.77 3.82 -8.38
C SER A 281 -11.35 3.05 -7.21
N GLY A 282 -10.71 3.20 -6.06
CA GLY A 282 -11.30 2.73 -4.81
C GLY A 282 -10.79 1.36 -4.39
N PHE A 283 -11.38 0.90 -3.30
CA PHE A 283 -10.93 -0.25 -2.55
C PHE A 283 -12.08 -1.25 -2.41
N PHE A 284 -11.74 -2.48 -2.05
CA PHE A 284 -12.75 -3.49 -1.68
C PHE A 284 -12.28 -4.26 -0.45
N VAL A 285 -13.25 -4.83 0.26
CA VAL A 285 -13.02 -5.82 1.31
C VAL A 285 -14.09 -6.90 1.19
N PHE A 286 -13.77 -8.09 1.71
CA PHE A 286 -14.75 -9.17 1.89
C PHE A 286 -14.98 -9.41 3.38
N SER A 287 -16.21 -9.74 3.76
CA SER A 287 -16.53 -10.17 5.12
C SER A 287 -17.22 -11.53 5.09
N ARG A 288 -16.93 -12.38 6.08
CA ARG A 288 -17.37 -13.78 6.12
C ARG A 288 -18.07 -14.07 7.45
N LEU A 289 -19.28 -14.65 7.41
CA LEU A 289 -19.99 -15.00 8.65
C LEU A 289 -20.60 -16.39 8.58
N GLU A 290 -20.12 -17.30 9.44
CA GLU A 290 -20.72 -18.64 9.53
C GLU A 290 -21.96 -18.58 10.42
N VAL A 291 -23.06 -19.19 9.96
CA VAL A 291 -24.31 -19.20 10.73
C VAL A 291 -24.83 -20.63 10.89
N THR A 292 -25.70 -20.80 11.89
CA THR A 292 -26.26 -22.11 12.23
C THR A 292 -27.74 -22.20 11.89
N ARG A 293 -28.22 -23.45 11.76
CA ARG A 293 -29.62 -23.68 11.44
C ARG A 293 -30.54 -23.06 12.48
N ALA A 294 -30.16 -23.17 13.76
CA ALA A 294 -30.95 -22.57 14.83
C ALA A 294 -31.16 -21.08 14.60
N GLU A 295 -30.13 -20.39 14.07
CA GLU A 295 -30.23 -18.94 13.88
C GLU A 295 -31.19 -18.60 12.75
N TRP A 296 -31.04 -19.21 11.58
CA TRP A 296 -31.91 -18.83 10.47
C TRP A 296 -33.33 -19.34 10.63
N GLU A 297 -33.55 -20.43 11.37
CA GLU A 297 -34.92 -20.85 11.64
C GLU A 297 -35.59 -19.91 12.63
N GLN A 298 -34.80 -19.26 13.47
CA GLN A 298 -35.35 -18.26 14.39
C GLN A 298 -35.77 -16.99 13.63
N LYS A 299 -34.90 -16.46 12.78
CA LYS A 299 -35.28 -15.39 11.85
C LYS A 299 -34.31 -15.44 10.69
N ASP A 300 -34.80 -15.60 9.46
CA ASP A 300 -33.92 -15.81 8.31
C ASP A 300 -33.64 -14.48 7.62
N GLU A 301 -32.86 -13.65 8.32
CA GLU A 301 -32.39 -12.37 7.78
C GLU A 301 -31.13 -11.97 8.53
N PHE A 302 -30.05 -11.70 7.79
CA PHE A 302 -28.78 -11.27 8.37
C PHE A 302 -28.31 -10.03 7.62
N ILE A 303 -27.79 -9.03 8.34
CA ILE A 303 -27.44 -7.74 7.74
C ILE A 303 -25.93 -7.54 7.77
N CYS A 304 -25.36 -7.26 6.59
CA CYS A 304 -23.98 -6.82 6.43
C CYS A 304 -24.00 -5.30 6.33
N ARG A 305 -23.40 -4.61 7.31
CA ARG A 305 -23.44 -3.16 7.39
C ARG A 305 -22.04 -2.55 7.36
N ALA A 306 -21.85 -1.55 6.50
CA ALA A 306 -20.59 -0.82 6.37
C ALA A 306 -20.75 0.59 6.91
N VAL A 307 -19.75 1.05 7.68
CA VAL A 307 -19.68 2.44 8.15
C VAL A 307 -18.51 3.08 7.42
N HIS A 308 -18.79 4.21 6.75
CA HIS A 308 -17.82 4.86 5.86
C HIS A 308 -18.15 6.34 5.80
N GLU A 309 -17.10 7.17 5.81
CA GLU A 309 -17.31 8.62 5.90
C GLU A 309 -18.10 9.19 4.72
N ALA A 310 -18.11 8.52 3.56
CA ALA A 310 -18.75 9.08 2.37
C ALA A 310 -20.22 8.67 2.23
N ALA A 311 -20.72 7.78 3.08
CA ALA A 311 -22.10 7.32 2.94
C ALA A 311 -23.07 8.33 3.56
N SER A 312 -24.20 8.53 2.89
CA SER A 312 -25.15 9.57 3.29
C SER A 312 -26.54 8.92 3.47
N PRO A 313 -27.31 9.39 4.45
CA PRO A 313 -27.05 10.53 5.34
C PRO A 313 -26.34 10.24 6.68
N SER A 314 -26.11 8.98 7.05
CA SER A 314 -25.59 8.75 8.40
C SER A 314 -24.36 7.85 8.42
N GLN A 315 -23.54 7.95 7.36
CA GLN A 315 -22.26 7.23 7.24
C GLN A 315 -22.43 5.71 7.25
N THR A 316 -23.58 5.20 6.79
CA THR A 316 -23.87 3.77 6.81
CA THR A 316 -23.80 3.75 6.78
C THR A 316 -24.48 3.33 5.48
N VAL A 317 -24.05 2.17 4.98
CA VAL A 317 -24.74 1.47 3.90
CA VAL A 317 -24.70 1.46 3.87
C VAL A 317 -24.80 -0.01 4.27
N GLN A 318 -25.91 -0.68 3.91
CA GLN A 318 -26.03 -2.07 4.35
C GLN A 318 -26.84 -2.88 3.34
N ARG A 319 -26.74 -4.21 3.47
CA ARG A 319 -27.50 -5.14 2.63
C ARG A 319 -27.81 -6.40 3.41
N ALA A 320 -29.09 -6.81 3.40
CA ALA A 320 -29.47 -8.04 4.08
C ALA A 320 -29.42 -9.25 3.14
N VAL A 321 -29.33 -10.45 3.73
CA VAL A 321 -29.38 -11.69 2.95
C VAL A 321 -30.10 -12.75 3.77
N SER A 322 -30.75 -13.68 3.06
CA SER A 322 -31.46 -14.81 3.66
C SER A 322 -30.89 -16.15 3.21
N VAL A 323 -30.98 -17.16 4.08
CA VAL A 323 -30.52 -18.51 3.70
C VAL A 323 -31.44 -19.12 2.64
N ASN A 324 -32.76 -18.96 2.80
CA ASN A 324 -33.70 -19.52 1.83
C ASN A 324 -34.28 -18.49 0.87
N ALA B 4 8.35 27.95 -37.88
CA ALA B 4 9.76 27.76 -37.58
C ALA B 4 9.99 26.47 -36.79
N SER B 5 10.33 25.39 -37.52
CA SER B 5 10.63 24.12 -36.87
C SER B 5 11.90 24.18 -36.04
N ARG B 6 12.82 25.10 -36.35
CA ARG B 6 14.03 25.26 -35.56
C ARG B 6 13.72 25.69 -34.14
N ASP B 7 12.58 26.33 -33.91
CA ASP B 7 12.20 26.77 -32.57
C ASP B 7 11.51 25.67 -31.77
N PHE B 8 11.29 24.49 -32.35
CA PHE B 8 10.64 23.41 -31.61
C PHE B 8 11.44 23.06 -30.35
N THR B 9 10.76 23.10 -29.21
CA THR B 9 11.36 22.84 -27.90
C THR B 9 10.63 21.68 -27.25
N PRO B 10 11.24 20.50 -27.15
CA PRO B 10 10.52 19.33 -26.61
C PRO B 10 10.35 19.44 -25.10
N PRO B 11 9.35 18.76 -24.53
CA PRO B 11 9.17 18.80 -23.08
C PRO B 11 10.24 17.99 -22.37
N THR B 12 10.46 18.36 -21.10
CA THR B 12 11.27 17.62 -20.15
C THR B 12 10.46 17.42 -18.87
N VAL B 13 10.83 16.42 -18.08
CA VAL B 13 10.08 16.04 -16.88
C VAL B 13 11.00 15.98 -15.68
N LYS B 14 10.59 16.64 -14.58
CA LYS B 14 11.23 16.43 -13.29
C LYS B 14 10.16 16.47 -12.20
N ILE B 15 10.41 15.75 -11.10
CA ILE B 15 9.48 15.65 -9.98
C ILE B 15 10.09 16.28 -8.73
N LEU B 16 9.38 17.22 -8.13
CA LEU B 16 9.71 17.75 -6.81
C LEU B 16 8.75 17.17 -5.77
N GLN B 17 9.14 17.25 -4.50
CA GLN B 17 8.29 16.71 -3.44
C GLN B 17 8.29 17.62 -2.22
N SER B 18 7.25 17.46 -1.40
CA SER B 18 7.20 18.01 -0.05
C SER B 18 8.51 17.73 0.69
N SER B 19 9.04 18.73 1.36
CA SER B 19 10.25 18.58 2.16
CA SER B 19 10.24 18.52 2.14
C SER B 19 9.91 18.07 3.56
N CYS B 20 10.90 17.42 4.19
CA CYS B 20 10.77 17.10 5.60
C CYS B 20 10.96 18.36 6.44
N ASP B 21 10.57 18.28 7.72
CA ASP B 21 10.57 19.49 8.55
C ASP B 21 11.96 19.73 9.15
N GLY B 22 12.07 20.73 10.03
CA GLY B 22 13.33 21.09 10.64
C GLY B 22 13.96 20.00 11.50
N GLY B 23 13.19 18.99 11.86
CA GLY B 23 13.72 17.84 12.57
C GLY B 23 14.01 16.64 11.71
N GLY B 24 13.78 16.73 10.40
CA GLY B 24 13.95 15.58 9.52
C GLY B 24 12.75 14.68 9.40
N HIS B 25 11.57 15.11 9.87
CA HIS B 25 10.40 14.24 9.94
C HIS B 25 9.47 14.49 8.76
N PHE B 26 8.83 13.41 8.28
CA PHE B 26 7.87 13.54 7.19
C PHE B 26 6.63 14.33 7.64
N PRO B 27 6.05 15.14 6.76
CA PRO B 27 4.70 15.71 7.01
C PRO B 27 3.64 14.62 6.94
N PRO B 28 2.41 14.88 7.42
CA PRO B 28 1.37 13.82 7.41
C PRO B 28 0.85 13.46 6.03
N THR B 29 0.98 14.35 5.04
CA THR B 29 0.75 14.01 3.64
C THR B 29 1.95 14.47 2.82
N ILE B 30 2.17 13.82 1.68
CA ILE B 30 3.28 14.11 0.78
C ILE B 30 2.71 14.60 -0.54
N GLN B 31 3.20 15.74 -1.04
CA GLN B 31 2.84 16.20 -2.37
C GLN B 31 3.97 15.90 -3.34
N LEU B 32 3.63 15.32 -4.49
CA LEU B 32 4.58 15.16 -5.60
C LEU B 32 4.16 16.11 -6.71
N LEU B 33 5.11 16.95 -7.17
CA LEU B 33 4.86 17.98 -8.17
C LEU B 33 5.66 17.64 -9.43
N CYS B 34 4.95 17.20 -10.48
CA CYS B 34 5.54 16.90 -11.77
C CYS B 34 5.61 18.17 -12.62
N LEU B 35 6.82 18.57 -13.02
CA LEU B 35 7.02 19.80 -13.76
C LEU B 35 7.46 19.49 -15.18
N VAL B 36 6.69 19.96 -16.16
CA VAL B 36 7.06 19.90 -17.57
C VAL B 36 7.42 21.31 -17.99
N SER B 37 8.71 21.64 -17.99
CA SER B 37 9.20 22.98 -18.29
C SER B 37 8.87 23.43 -19.71
N GLY B 38 9.22 24.68 -20.02
CA GLY B 38 8.83 25.34 -21.26
C GLY B 38 9.00 24.52 -22.52
N TYR B 39 7.88 24.20 -23.18
CA TYR B 39 7.87 23.44 -24.41
C TYR B 39 6.98 24.11 -25.44
N THR B 40 7.19 23.76 -26.71
CA THR B 40 6.36 24.23 -27.79
C THR B 40 4.89 23.85 -27.54
N PRO B 41 3.97 24.82 -27.51
CA PRO B 41 2.57 24.51 -27.21
C PRO B 41 2.01 23.38 -28.07
N GLY B 42 1.28 22.48 -27.42
CA GLY B 42 0.71 21.32 -28.07
C GLY B 42 -0.18 20.58 -27.09
N THR B 43 -0.82 19.52 -27.59
CA THR B 43 -1.69 18.72 -26.74
C THR B 43 -0.86 17.86 -25.79
N ILE B 44 -1.26 17.83 -24.53
CA ILE B 44 -0.47 17.18 -23.50
C ILE B 44 -1.38 16.51 -22.49
N GLN B 45 -1.00 15.31 -22.06
CA GLN B 45 -1.72 14.60 -21.00
C GLN B 45 -0.72 14.00 -20.03
N ILE B 46 -1.03 14.09 -18.74
CA ILE B 46 -0.20 13.55 -17.67
C ILE B 46 -0.97 12.45 -16.96
N THR B 47 -0.35 11.27 -16.84
CA THR B 47 -0.89 10.14 -16.10
C THR B 47 0.08 9.77 -14.97
N TRP B 48 -0.45 9.54 -13.77
CA TRP B 48 0.34 9.07 -12.64
C TRP B 48 0.20 7.56 -12.48
N LEU B 49 1.32 6.89 -12.20
CA LEU B 49 1.34 5.44 -11.98
C LEU B 49 1.83 5.14 -10.57
N GLU B 50 1.21 4.13 -9.95
CA GLU B 50 1.61 3.62 -8.63
C GLU B 50 2.07 2.19 -8.82
N ASP B 51 3.38 1.97 -8.66
CA ASP B 51 4.01 0.68 -8.98
C ASP B 51 3.55 0.15 -10.35
N GLY B 52 3.43 1.07 -11.30
CA GLY B 52 3.08 0.71 -12.67
C GLY B 52 1.60 0.70 -13.00
N GLN B 53 0.72 0.85 -12.01
CA GLN B 53 -0.72 0.80 -12.24
C GLN B 53 -1.29 2.21 -12.33
N VAL B 54 -2.12 2.44 -13.34
CA VAL B 54 -2.68 3.77 -13.55
C VAL B 54 -3.47 4.20 -12.32
N MET B 55 -3.16 5.40 -11.83
CA MET B 55 -3.88 5.97 -10.70
C MET B 55 -5.08 6.76 -11.18
N ASP B 56 -6.10 6.84 -10.32
CA ASP B 56 -7.29 7.61 -10.62
C ASP B 56 -6.95 9.09 -10.82
N VAL B 57 -7.46 9.68 -11.91
CA VAL B 57 -7.21 11.09 -12.19
C VAL B 57 -7.75 11.98 -11.07
N ASP B 58 -8.65 11.45 -10.24
CA ASP B 58 -9.19 12.22 -9.13
C ASP B 58 -8.11 12.56 -8.10
N LEU B 59 -7.06 11.75 -8.01
CA LEU B 59 -6.05 11.96 -6.98
C LEU B 59 -5.02 13.03 -7.33
N SER B 60 -5.14 13.68 -8.49
CA SER B 60 -4.16 14.67 -8.91
C SER B 60 -4.86 15.84 -9.61
N THR B 61 -4.15 16.97 -9.68
CA THR B 61 -4.57 18.13 -10.46
C THR B 61 -3.59 18.37 -11.59
N ALA B 62 -3.94 19.32 -12.48
CA ALA B 62 -3.03 19.69 -13.57
C ALA B 62 -3.33 21.12 -14.00
N SER B 63 -2.27 21.82 -14.42
CA SER B 63 -2.39 23.22 -14.80
C SER B 63 -1.44 23.51 -15.96
N THR B 64 -1.91 24.26 -16.95
CA THR B 64 -1.06 24.67 -18.07
C THR B 64 -1.12 26.19 -18.23
N THR B 65 0.04 26.83 -18.25
CA THR B 65 0.18 28.23 -18.57
C THR B 65 1.08 28.39 -19.78
N GLN B 66 0.98 29.55 -20.43
CA GLN B 66 1.85 29.90 -21.55
C GLN B 66 2.47 31.26 -21.29
N GLU B 67 3.80 31.34 -21.43
CA GLU B 67 4.55 32.58 -21.28
C GLU B 67 5.33 32.79 -22.58
N GLY B 68 4.99 33.84 -23.31
CA GLY B 68 5.60 34.08 -24.60
C GLY B 68 5.21 33.02 -25.61
N GLU B 69 6.20 32.34 -26.18
CA GLU B 69 5.95 31.30 -27.18
C GLU B 69 6.06 29.89 -26.60
N LEU B 70 6.19 29.74 -25.29
CA LEU B 70 6.42 28.44 -24.66
C LEU B 70 5.37 28.17 -23.58
N ALA B 71 4.89 26.92 -23.54
CA ALA B 71 3.94 26.48 -22.53
C ALA B 71 4.65 25.76 -21.40
N SER B 72 3.99 25.73 -20.24
CA SER B 72 4.49 25.03 -19.07
C SER B 72 3.32 24.35 -18.37
N THR B 73 3.52 23.11 -17.93
CA THR B 73 2.47 22.32 -17.31
C THR B 73 3.00 21.70 -16.03
N GLN B 74 2.16 21.69 -14.99
CA GLN B 74 2.50 21.02 -13.74
C GLN B 74 1.31 20.18 -13.30
N SER B 75 1.61 19.06 -12.65
CA SER B 75 0.58 18.21 -12.06
C SER B 75 1.01 17.83 -10.64
N GLU B 76 0.07 17.88 -9.71
CA GLU B 76 0.34 17.59 -8.31
C GLU B 76 -0.47 16.38 -7.87
N LEU B 77 0.19 15.45 -7.19
CA LEU B 77 -0.42 14.26 -6.62
C LEU B 77 -0.20 14.28 -5.11
N THR B 78 -1.24 13.96 -4.33
CA THR B 78 -1.13 13.96 -2.89
C THR B 78 -1.28 12.55 -2.34
N LEU B 79 -0.39 12.18 -1.41
CA LEU B 79 -0.34 10.84 -0.81
C LEU B 79 -0.29 10.94 0.70
N SER B 80 -0.82 9.92 1.38
CA SER B 80 -0.67 9.87 2.83
C SER B 80 0.76 9.47 3.19
N GLN B 81 1.19 9.88 4.39
CA GLN B 81 2.50 9.47 4.90
C GLN B 81 2.63 7.95 4.96
N LYS B 82 1.53 7.27 5.28
CA LYS B 82 1.56 5.81 5.37
C LYS B 82 1.93 5.19 4.03
N HIS B 83 1.30 5.65 2.95
CA HIS B 83 1.62 5.11 1.64
C HIS B 83 3.05 5.42 1.24
N TRP B 84 3.54 6.63 1.53
CA TRP B 84 4.92 6.98 1.20
C TRP B 84 5.90 6.08 1.94
N LEU B 85 5.63 5.79 3.21
CA LEU B 85 6.52 4.93 3.98
C LEU B 85 6.45 3.47 3.54
N SER B 86 5.48 3.10 2.73
CA SER B 86 5.40 1.73 2.27
C SER B 86 6.32 1.45 1.07
N ASP B 87 7.14 2.43 0.67
CA ASP B 87 8.19 2.29 -0.32
C ASP B 87 7.67 2.05 -1.73
N ARG B 88 6.44 2.46 -2.02
CA ARG B 88 5.90 2.36 -3.36
C ARG B 88 6.52 3.42 -4.27
N THR B 89 6.58 3.09 -5.56
CA THR B 89 7.22 3.93 -6.56
C THR B 89 6.17 4.63 -7.41
N TYR B 90 6.35 5.93 -7.64
CA TYR B 90 5.38 6.74 -8.38
C TYR B 90 6.00 7.29 -9.66
N THR B 91 5.25 7.22 -10.75
CA THR B 91 5.73 7.59 -12.08
C THR B 91 4.84 8.68 -12.66
N CYS B 92 5.46 9.78 -13.13
CA CYS B 92 4.76 10.81 -13.89
C CYS B 92 4.97 10.54 -15.38
N GLN B 93 3.90 10.19 -16.08
CA GLN B 93 3.95 9.80 -17.48
C GLN B 93 3.33 10.91 -18.33
N VAL B 94 4.12 11.49 -19.22
CA VAL B 94 3.70 12.61 -20.05
C VAL B 94 3.57 12.13 -21.49
N THR B 95 2.42 12.40 -22.10
CA THR B 95 2.18 12.10 -23.50
C THR B 95 2.03 13.42 -24.24
N TYR B 96 2.90 13.66 -25.22
CA TYR B 96 2.94 14.90 -25.97
C TYR B 96 3.12 14.56 -27.43
N GLN B 97 2.17 15.01 -28.27
CA GLN B 97 2.20 14.75 -29.72
C GLN B 97 2.56 13.30 -30.04
N GLY B 98 1.94 12.36 -29.32
CA GLY B 98 2.16 10.95 -29.57
C GLY B 98 3.48 10.38 -29.11
N HIS B 99 4.25 11.11 -28.32
CA HIS B 99 5.50 10.61 -27.75
C HIS B 99 5.43 10.69 -26.23
N THR B 100 5.97 9.68 -25.55
CA THR B 100 5.85 9.58 -24.09
C THR B 100 7.18 9.90 -23.44
N PHE B 101 7.14 10.75 -22.41
CA PHE B 101 8.23 10.99 -21.50
C PHE B 101 7.80 10.52 -20.12
N GLU B 102 8.76 10.25 -19.24
CA GLU B 102 8.39 9.85 -17.88
C GLU B 102 9.57 10.00 -16.93
N ASP B 103 9.24 10.03 -15.64
CA ASP B 103 10.18 10.06 -14.53
C ASP B 103 9.50 9.39 -13.34
N SER B 104 10.31 8.88 -12.42
CA SER B 104 9.82 8.12 -11.28
C SER B 104 10.50 8.58 -9.99
N THR B 105 9.86 8.27 -8.87
CA THR B 105 10.42 8.61 -7.57
C THR B 105 9.85 7.67 -6.51
N LYS B 106 10.66 7.41 -5.49
CA LYS B 106 10.19 6.85 -4.23
C LYS B 106 10.94 7.52 -3.09
N LYS B 107 10.51 7.21 -1.86
CA LYS B 107 11.21 7.67 -0.66
C LYS B 107 12.70 7.39 -0.76
N CYS B 108 13.52 8.36 -0.34
CA CYS B 108 14.96 8.18 -0.41
C CYS B 108 15.41 7.01 0.48
N ALA B 109 16.44 6.28 0.03
CA ALA B 109 16.95 5.14 0.79
C ALA B 109 17.56 5.55 2.14
N ASP B 110 17.48 4.63 3.11
CA ASP B 110 18.06 4.87 4.42
C ASP B 110 19.58 4.89 4.35
N SER B 111 20.19 5.55 5.34
CA SER B 111 21.63 5.79 5.31
C SER B 111 22.43 4.51 5.49
N ASN B 112 21.87 3.51 6.18
CA ASN B 112 22.63 2.27 6.36
C ASN B 112 21.98 1.11 5.59
N PRO B 113 22.77 0.23 5.00
CA PRO B 113 22.20 -0.89 4.25
C PRO B 113 21.63 -1.98 5.14
N ARG B 114 20.60 -2.65 4.63
CA ARG B 114 19.96 -3.76 5.34
C ARG B 114 20.78 -5.04 5.23
N GLY B 115 20.68 -5.89 6.25
CA GLY B 115 21.32 -7.18 6.18
C GLY B 115 20.66 -8.10 5.15
N VAL B 116 21.37 -9.20 4.83
CA VAL B 116 20.89 -10.17 3.84
C VAL B 116 19.82 -11.04 4.46
N SER B 117 18.78 -11.36 3.67
CA SER B 117 17.76 -12.30 4.09
C SER B 117 17.51 -13.33 2.99
N ALA B 118 16.88 -14.44 3.39
CA ALA B 118 16.68 -15.58 2.49
C ALA B 118 15.33 -16.23 2.78
N TYR B 119 14.67 -16.72 1.72
CA TYR B 119 13.33 -17.29 1.78
C TYR B 119 13.29 -18.57 0.95
N LEU B 120 12.49 -19.54 1.39
CA LEU B 120 12.41 -20.85 0.71
C LEU B 120 10.95 -21.29 0.63
N SER B 121 10.46 -21.55 -0.58
CA SER B 121 9.06 -21.85 -0.81
C SER B 121 8.83 -23.36 -0.87
N ARG B 122 7.57 -23.76 -0.69
CA ARG B 122 7.12 -25.11 -1.05
C ARG B 122 6.59 -25.09 -2.48
N PRO B 123 6.41 -26.25 -3.11
CA PRO B 123 5.85 -26.25 -4.47
C PRO B 123 4.40 -25.80 -4.48
N SER B 124 4.00 -25.20 -5.57
CA SER B 124 2.59 -24.84 -5.58
C SER B 124 1.73 -26.06 -5.93
N PRO B 125 0.50 -26.12 -5.42
CA PRO B 125 -0.40 -27.22 -5.82
C PRO B 125 -0.61 -27.31 -7.33
N PHE B 126 -0.71 -26.17 -8.03
CA PHE B 126 -0.81 -26.18 -9.49
C PHE B 126 0.39 -26.91 -10.12
N ASP B 127 1.62 -26.59 -9.68
CA ASP B 127 2.78 -27.30 -10.25
C ASP B 127 2.80 -28.78 -9.85
N LEU B 128 2.36 -29.11 -8.63
CA LEU B 128 2.39 -30.50 -8.19
C LEU B 128 1.40 -31.36 -8.95
N PHE B 129 0.19 -30.86 -9.17
CA PHE B 129 -0.94 -31.69 -9.57
C PHE B 129 -1.48 -31.39 -10.97
N ILE B 130 -1.28 -30.19 -11.51
CA ILE B 130 -1.71 -29.92 -12.89
C ILE B 130 -0.53 -30.05 -13.86
N ARG B 131 0.50 -29.22 -13.67
CA ARG B 131 1.67 -29.32 -14.52
C ARG B 131 2.45 -30.60 -14.24
N LYS B 132 2.35 -31.13 -13.03
CA LYS B 132 3.10 -32.33 -12.58
C LYS B 132 4.60 -32.17 -12.77
N SER B 133 5.10 -30.99 -12.40
CA SER B 133 6.52 -30.67 -12.49
C SER B 133 6.88 -29.75 -11.34
N PRO B 134 6.88 -30.25 -10.10
CA PRO B 134 7.05 -29.35 -8.95
C PRO B 134 8.49 -28.88 -8.76
N THR B 135 8.63 -27.67 -8.23
CA THR B 135 9.93 -27.07 -7.91
C THR B 135 9.81 -26.33 -6.58
N ILE B 136 10.95 -26.07 -5.93
CA ILE B 136 11.04 -25.17 -4.78
C ILE B 136 12.03 -24.06 -5.11
N THR B 137 11.85 -22.87 -4.50
CA THR B 137 12.72 -21.73 -4.85
C THR B 137 13.37 -21.13 -3.61
N CYS B 138 14.70 -20.94 -3.67
CA CYS B 138 15.44 -20.24 -2.63
C CYS B 138 15.75 -18.83 -3.13
N LEU B 139 15.28 -17.81 -2.40
CA LEU B 139 15.39 -16.41 -2.77
C LEU B 139 16.28 -15.66 -1.77
N VAL B 140 17.36 -15.05 -2.26
CA VAL B 140 18.30 -14.31 -1.41
C VAL B 140 18.27 -12.83 -1.84
N VAL B 141 17.96 -11.94 -0.89
CA VAL B 141 17.75 -10.52 -1.22
C VAL B 141 18.66 -9.63 -0.37
N ASP B 142 18.84 -8.40 -0.87
CA ASP B 142 19.62 -7.34 -0.23
C ASP B 142 21.13 -7.63 -0.24
N LEU B 143 21.60 -8.44 -1.19
CA LEU B 143 23.04 -8.61 -1.37
C LEU B 143 23.66 -7.34 -1.94
N ALA B 144 24.91 -7.09 -1.56
CA ALA B 144 25.67 -6.00 -2.14
C ALA B 144 26.30 -6.46 -3.44
N PRO B 145 26.04 -5.82 -4.57
CA PRO B 145 26.67 -6.24 -5.83
C PRO B 145 28.17 -6.00 -5.78
N SER B 146 28.85 -6.47 -6.83
CA SER B 146 30.27 -6.30 -7.03
C SER B 146 31.11 -6.87 -5.89
N LYS B 147 30.53 -7.64 -5.00
CA LYS B 147 31.30 -8.40 -4.03
C LYS B 147 31.72 -9.72 -4.69
N GLY B 148 32.14 -10.71 -3.91
CA GLY B 148 32.27 -12.05 -4.43
C GLY B 148 30.91 -12.64 -4.78
N THR B 149 30.92 -13.65 -5.63
CA THR B 149 29.67 -14.32 -5.94
C THR B 149 29.25 -15.20 -4.75
N VAL B 150 27.95 -15.35 -4.58
CA VAL B 150 27.40 -16.04 -3.42
C VAL B 150 27.21 -17.52 -3.76
N GLN B 151 27.62 -18.39 -2.84
CA GLN B 151 27.42 -19.83 -2.99
C GLN B 151 26.06 -20.25 -2.42
N LEU B 152 25.36 -21.09 -3.18
CA LEU B 152 24.02 -21.54 -2.84
C LEU B 152 23.92 -23.04 -3.16
N THR B 153 23.76 -23.89 -2.13
CA THR B 153 23.86 -25.33 -2.28
C THR B 153 22.61 -26.00 -1.73
N TRP B 154 22.09 -26.99 -2.47
CA TRP B 154 20.91 -27.78 -2.11
C TRP B 154 21.32 -29.15 -1.55
N SER B 155 20.57 -29.63 -0.55
CA SER B 155 20.77 -30.98 -0.05
C SER B 155 19.45 -31.55 0.46
N ARG B 156 19.41 -32.86 0.62
CA ARG B 156 18.24 -33.58 1.15
C ARG B 156 18.59 -34.18 2.51
N ALA B 157 17.64 -34.19 3.45
CA ALA B 157 17.90 -34.79 4.76
C ALA B 157 18.24 -36.28 4.66
N SER B 158 17.72 -36.98 3.64
CA SER B 158 18.03 -38.40 3.45
C SER B 158 19.46 -38.65 2.95
N GLY B 159 20.16 -37.61 2.49
CA GLY B 159 21.47 -37.78 1.88
C GLY B 159 21.45 -38.22 0.43
N LYS B 160 20.27 -38.42 -0.16
CA LYS B 160 20.13 -38.79 -1.55
C LYS B 160 20.39 -37.58 -2.45
N PRO B 161 20.68 -37.80 -3.74
CA PRO B 161 21.16 -36.70 -4.59
C PRO B 161 20.07 -35.72 -4.97
N VAL B 162 20.48 -34.47 -5.18
CA VAL B 162 19.59 -33.44 -5.71
C VAL B 162 19.75 -33.35 -7.22
N ASN B 163 18.72 -32.83 -7.89
CA ASN B 163 18.75 -32.53 -9.32
C ASN B 163 19.53 -31.24 -9.57
N HIS B 164 19.87 -30.98 -10.85
CA HIS B 164 20.46 -29.69 -11.19
C HIS B 164 19.42 -28.57 -11.04
N SER B 165 19.85 -27.44 -10.48
CA SER B 165 19.00 -26.28 -10.30
C SER B 165 19.33 -25.22 -11.34
N THR B 166 18.43 -24.24 -11.49
CA THR B 166 18.71 -23.07 -12.32
C THR B 166 18.91 -21.86 -11.42
N ARG B 167 19.73 -20.91 -11.88
CA ARG B 167 20.14 -19.80 -11.03
C ARG B 167 20.07 -18.49 -11.80
N LYS B 168 19.38 -17.50 -11.23
CA LYS B 168 19.31 -16.15 -11.79
C LYS B 168 19.86 -15.12 -10.80
N GLU B 169 20.62 -14.15 -11.30
CA GLU B 169 21.13 -13.04 -10.51
C GLU B 169 20.70 -11.73 -11.16
N GLU B 170 20.09 -10.83 -10.39
CA GLU B 170 19.49 -9.64 -11.00
C GLU B 170 19.77 -8.40 -10.15
N LYS B 171 20.36 -7.39 -10.77
CA LYS B 171 20.56 -6.09 -10.12
C LYS B 171 19.24 -5.35 -10.01
N GLN B 172 18.98 -4.76 -8.85
CA GLN B 172 17.70 -4.11 -8.58
C GLN B 172 17.85 -2.60 -8.68
N ARG B 173 16.69 -1.92 -8.78
CA ARG B 173 16.69 -0.47 -8.88
C ARG B 173 17.34 0.18 -7.67
N ASN B 174 17.10 -0.37 -6.48
CA ASN B 174 17.72 0.24 -5.30
C ASN B 174 19.17 -0.08 -5.19
N GLY B 175 19.82 -0.71 -6.16
CA GLY B 175 21.25 -0.90 -6.08
C GLY B 175 21.70 -2.21 -5.47
N THR B 176 20.78 -3.02 -4.96
CA THR B 176 21.12 -4.30 -4.36
C THR B 176 21.08 -5.41 -5.42
N LEU B 177 21.42 -6.62 -5.00
CA LEU B 177 21.38 -7.79 -5.86
C LEU B 177 20.48 -8.86 -5.26
N THR B 178 19.71 -9.55 -6.11
CA THR B 178 18.91 -10.69 -5.72
CA THR B 178 18.89 -10.68 -5.73
C THR B 178 19.36 -11.92 -6.48
N VAL B 179 19.46 -13.05 -5.77
CA VAL B 179 19.79 -14.33 -6.39
C VAL B 179 18.64 -15.31 -6.15
N THR B 180 18.18 -15.94 -7.21
CA THR B 180 17.09 -16.91 -7.18
C THR B 180 17.62 -18.24 -7.68
N SER B 181 17.40 -19.31 -6.89
CA SER B 181 17.74 -20.66 -7.31
C SER B 181 16.48 -21.50 -7.24
N THR B 182 16.15 -22.21 -8.34
CA THR B 182 14.97 -23.05 -8.43
C THR B 182 15.35 -24.51 -8.63
N LEU B 183 14.86 -25.39 -7.73
CA LEU B 183 15.25 -26.80 -7.73
C LEU B 183 14.06 -27.68 -8.07
N PRO B 184 14.11 -28.49 -9.12
CA PRO B 184 13.08 -29.53 -9.33
C PRO B 184 13.15 -30.61 -8.27
N VAL B 185 11.97 -31.02 -7.76
CA VAL B 185 11.91 -32.08 -6.76
C VAL B 185 11.10 -33.27 -7.31
N GLY B 186 11.46 -34.46 -6.86
CA GLY B 186 10.67 -35.64 -7.20
C GLY B 186 9.29 -35.58 -6.58
N THR B 187 8.28 -36.00 -7.34
CA THR B 187 6.90 -35.90 -6.88
C THR B 187 6.62 -36.87 -5.73
N ARG B 188 7.03 -38.13 -5.89
CA ARG B 188 6.88 -39.09 -4.79
C ARG B 188 7.79 -38.70 -3.62
N ASP B 189 9.00 -38.25 -3.92
CA ASP B 189 9.89 -37.78 -2.85
C ASP B 189 9.19 -36.71 -1.99
N TRP B 190 8.60 -35.70 -2.63
CA TRP B 190 7.99 -34.60 -1.89
C TRP B 190 6.76 -35.07 -1.11
N ILE B 191 5.87 -35.81 -1.76
CA ILE B 191 4.63 -36.21 -1.09
C ILE B 191 4.92 -37.12 0.10
N GLU B 192 6.03 -37.86 0.07
CA GLU B 192 6.33 -38.80 1.13
C GLU B 192 7.21 -38.22 2.24
N GLY B 193 7.45 -36.91 2.23
CA GLY B 193 7.97 -36.21 3.39
C GLY B 193 9.44 -35.89 3.39
N GLU B 194 10.10 -35.83 2.23
CA GLU B 194 11.51 -35.47 2.20
C GLU B 194 11.69 -34.02 2.64
N THR B 195 12.82 -33.73 3.27
CA THR B 195 13.17 -32.36 3.69
C THR B 195 14.32 -31.84 2.84
N TYR B 196 14.15 -30.65 2.26
CA TYR B 196 15.16 -30.02 1.41
C TYR B 196 15.74 -28.79 2.08
N GLN B 197 17.05 -28.57 1.91
CA GLN B 197 17.75 -27.45 2.53
C GLN B 197 18.47 -26.62 1.48
N CYS B 198 18.38 -25.30 1.62
CA CYS B 198 19.16 -24.32 0.86
C CYS B 198 20.19 -23.71 1.82
N ARG B 199 21.47 -23.76 1.45
CA ARG B 199 22.53 -23.20 2.28
C ARG B 199 23.29 -22.13 1.51
N VAL B 200 23.40 -20.94 2.11
CA VAL B 200 23.91 -19.74 1.46
C VAL B 200 25.17 -19.30 2.21
N THR B 201 26.29 -19.18 1.50
CA THR B 201 27.54 -18.70 2.09
C THR B 201 28.18 -17.62 1.23
N HIS B 202 28.99 -16.78 1.90
CA HIS B 202 29.76 -15.72 1.27
C HIS B 202 30.77 -15.16 2.27
N PRO B 203 31.97 -14.77 1.83
CA PRO B 203 32.99 -14.30 2.80
C PRO B 203 32.56 -13.10 3.62
N HIS B 204 31.73 -12.21 3.07
CA HIS B 204 31.33 -11.02 3.83
C HIS B 204 30.15 -11.29 4.75
N LEU B 205 29.55 -12.48 4.70
CA LEU B 205 28.47 -12.80 5.62
C LEU B 205 29.03 -13.14 7.01
N PRO B 206 28.27 -12.84 8.07
CA PRO B 206 28.72 -13.21 9.41
C PRO B 206 28.75 -14.73 9.59
N ARG B 207 27.66 -15.38 9.21
CA ARG B 207 27.55 -16.83 9.29
C ARG B 207 26.83 -17.33 8.04
N ALA B 208 26.79 -18.65 7.89
CA ALA B 208 26.03 -19.24 6.79
C ALA B 208 24.54 -19.15 7.06
N LEU B 209 23.76 -18.88 6.01
CA LEU B 209 22.31 -18.88 6.11
C LEU B 209 21.78 -20.23 5.66
N MET B 210 20.86 -20.81 6.44
CA MET B 210 20.28 -22.12 6.14
C MET B 210 18.77 -22.04 6.27
N ARG B 211 18.06 -22.55 5.26
CA ARG B 211 16.61 -22.65 5.26
C ARG B 211 16.23 -24.07 4.82
N SER B 212 15.08 -24.54 5.31
CA SER B 212 14.63 -25.87 4.93
C SER B 212 13.13 -25.88 4.72
N THR B 213 12.67 -26.86 3.95
CA THR B 213 11.26 -26.95 3.62
C THR B 213 10.87 -28.41 3.45
N THR B 214 9.61 -28.69 3.76
CA THR B 214 9.07 -30.05 3.75
C THR B 214 7.54 -29.93 3.74
N LYS B 215 6.86 -31.00 3.33
CA LYS B 215 5.41 -30.97 3.23
C LYS B 215 4.77 -30.73 4.60
N THR B 216 3.74 -29.90 4.64
CA THR B 216 3.09 -29.58 5.91
C THR B 216 2.40 -30.82 6.50
N SER B 217 2.61 -31.04 7.80
CA SER B 217 2.06 -32.19 8.49
C SER B 217 0.61 -31.91 8.94
N GLY B 218 -0.01 -32.88 9.61
CA GLY B 218 -1.32 -32.70 10.19
C GLY B 218 -2.50 -33.15 9.33
N PRO B 219 -3.71 -32.79 9.77
CA PRO B 219 -4.93 -33.27 9.11
C PRO B 219 -5.16 -32.68 7.73
N ARG B 220 -6.04 -33.35 6.98
CA ARG B 220 -6.41 -32.93 5.63
C ARG B 220 -7.93 -32.75 5.51
N ALA B 221 -8.33 -31.82 4.65
CA ALA B 221 -9.75 -31.63 4.33
C ALA B 221 -9.87 -30.92 2.97
N ALA B 222 -10.87 -31.35 2.18
CA ALA B 222 -11.01 -30.86 0.82
C ALA B 222 -11.70 -29.50 0.79
N PRO B 223 -11.39 -28.66 -0.20
CA PRO B 223 -12.06 -27.35 -0.33
C PRO B 223 -13.50 -27.42 -0.85
N GLU B 224 -14.35 -26.54 -0.30
CA GLU B 224 -15.65 -26.15 -0.89
C GLU B 224 -15.45 -24.91 -1.75
N VAL B 225 -16.13 -24.84 -2.89
CA VAL B 225 -16.02 -23.71 -3.82
C VAL B 225 -17.42 -23.17 -4.14
N TYR B 226 -17.54 -21.84 -4.17
CA TYR B 226 -18.78 -21.12 -4.49
C TYR B 226 -18.46 -19.89 -5.33
N ALA B 227 -19.07 -19.74 -6.50
CA ALA B 227 -18.85 -18.56 -7.35
C ALA B 227 -20.12 -17.75 -7.46
N PHE B 228 -19.97 -16.42 -7.53
CA PHE B 228 -21.09 -15.48 -7.46
C PHE B 228 -20.83 -14.33 -8.44
N ALA B 229 -21.90 -13.67 -8.89
CA ALA B 229 -21.79 -12.44 -9.67
C ALA B 229 -22.54 -11.32 -8.98
N THR B 230 -21.99 -10.09 -9.01
CA THR B 230 -22.74 -8.93 -8.55
C THR B 230 -23.79 -8.61 -9.60
N PRO B 231 -24.87 -7.92 -9.21
CA PRO B 231 -25.96 -7.64 -10.15
C PRO B 231 -25.61 -6.54 -11.13
N GLU B 232 -26.40 -6.46 -12.20
CA GLU B 232 -26.29 -5.34 -13.11
C GLU B 232 -26.99 -4.12 -12.52
N TRP B 233 -26.37 -2.95 -12.64
CA TRP B 233 -26.96 -1.70 -12.19
C TRP B 233 -26.34 -0.57 -12.99
N PRO B 234 -26.80 0.68 -12.80
CA PRO B 234 -26.28 1.77 -13.65
C PRO B 234 -24.77 1.96 -13.63
N GLY B 235 -24.10 1.57 -12.55
CA GLY B 235 -22.65 1.65 -12.51
C GLY B 235 -21.88 0.47 -13.07
N SER B 236 -22.55 -0.53 -13.65
CA SER B 236 -21.85 -1.73 -14.12
C SER B 236 -22.51 -2.30 -15.38
N ARG B 237 -22.71 -1.45 -16.39
CA ARG B 237 -23.39 -1.89 -17.61
C ARG B 237 -22.48 -2.73 -18.51
N ASP B 238 -21.25 -2.28 -18.75
CA ASP B 238 -20.32 -2.97 -19.66
C ASP B 238 -19.14 -3.63 -18.92
N LYS B 239 -19.20 -3.71 -17.60
CA LYS B 239 -18.26 -4.52 -16.83
C LYS B 239 -19.05 -5.13 -15.68
N ARG B 240 -18.55 -6.23 -15.11
CA ARG B 240 -19.14 -6.68 -13.86
CA ARG B 240 -19.17 -6.78 -13.91
C ARG B 240 -18.11 -7.41 -13.02
N THR B 241 -18.41 -7.53 -11.73
CA THR B 241 -17.50 -8.11 -10.75
C THR B 241 -17.95 -9.53 -10.40
N LEU B 242 -17.03 -10.48 -10.50
CA LEU B 242 -17.27 -11.85 -10.07
C LEU B 242 -16.45 -12.13 -8.81
N ALA B 243 -16.93 -13.06 -7.97
CA ALA B 243 -16.27 -13.40 -6.72
C ALA B 243 -16.33 -14.90 -6.48
N CYS B 244 -15.37 -15.39 -5.71
CA CYS B 244 -15.34 -16.82 -5.40
C CYS B 244 -14.89 -16.99 -3.95
N LEU B 245 -15.60 -17.85 -3.21
CA LEU B 245 -15.24 -18.21 -1.83
C LEU B 245 -14.79 -19.68 -1.85
N ILE B 246 -13.58 -19.94 -1.37
CA ILE B 246 -13.02 -21.30 -1.29
C ILE B 246 -12.72 -21.55 0.18
N GLN B 247 -13.26 -22.63 0.75
CA GLN B 247 -13.19 -22.70 2.22
C GLN B 247 -13.19 -24.13 2.75
N ASN B 248 -12.82 -24.23 4.03
CA ASN B 248 -12.78 -25.44 4.85
C ASN B 248 -11.71 -26.45 4.42
N PHE B 249 -10.68 -26.01 3.70
CA PHE B 249 -9.60 -26.91 3.30
C PHE B 249 -8.43 -26.90 4.31
N MET B 250 -7.66 -27.99 4.29
CA MET B 250 -6.47 -28.18 5.14
C MET B 250 -5.51 -29.16 4.44
N PRO B 251 -4.20 -28.87 4.44
CA PRO B 251 -3.55 -27.68 5.00
C PRO B 251 -3.75 -26.45 4.11
N GLU B 252 -3.03 -25.35 4.39
CA GLU B 252 -3.42 -24.12 3.72
C GLU B 252 -2.91 -23.95 2.29
N ASP B 253 -2.00 -24.80 1.81
CA ASP B 253 -1.45 -24.65 0.46
CA ASP B 253 -1.46 -24.62 0.47
C ASP B 253 -2.56 -24.82 -0.58
N ILE B 254 -2.78 -23.80 -1.42
CA ILE B 254 -3.82 -23.89 -2.45
C ILE B 254 -3.46 -23.00 -3.64
N SER B 255 -3.89 -23.41 -4.84
CA SER B 255 -3.78 -22.60 -6.06
C SER B 255 -5.17 -22.27 -6.60
N VAL B 256 -5.44 -20.99 -6.83
CA VAL B 256 -6.74 -20.54 -7.35
C VAL B 256 -6.53 -19.92 -8.73
N GLN B 257 -7.32 -20.33 -9.72
CA GLN B 257 -7.29 -19.73 -11.05
C GLN B 257 -8.70 -19.43 -11.53
N TRP B 258 -8.81 -18.54 -12.51
CA TRP B 258 -10.04 -18.32 -13.26
C TRP B 258 -9.85 -18.74 -14.72
N LEU B 259 -10.83 -19.46 -15.26
CA LEU B 259 -10.80 -19.99 -16.62
C LEU B 259 -11.94 -19.36 -17.43
N HIS B 260 -11.66 -19.05 -18.69
CA HIS B 260 -12.65 -18.44 -19.60
C HIS B 260 -12.40 -18.89 -21.02
N ASN B 261 -13.40 -19.56 -21.63
CA ASN B 261 -13.38 -19.84 -23.07
C ASN B 261 -12.09 -20.58 -23.47
N GLU B 262 -11.73 -21.59 -22.64
CA GLU B 262 -10.58 -22.48 -22.83
CA GLU B 262 -10.58 -22.47 -22.85
C GLU B 262 -9.23 -21.79 -22.63
N VAL B 263 -9.22 -20.62 -21.99
CA VAL B 263 -8.01 -19.90 -21.60
C VAL B 263 -7.91 -19.85 -20.07
N GLN B 264 -6.72 -20.15 -19.53
CA GLN B 264 -6.42 -19.88 -18.13
C GLN B 264 -5.99 -18.41 -18.02
N LEU B 265 -6.80 -17.57 -17.35
CA LEU B 265 -6.54 -16.14 -17.32
C LEU B 265 -5.25 -15.82 -16.55
N PRO B 266 -4.54 -14.75 -16.93
CA PRO B 266 -3.31 -14.39 -16.19
C PRO B 266 -3.59 -14.10 -14.73
N ASP B 267 -2.61 -14.44 -13.87
CA ASP B 267 -2.77 -14.21 -12.44
C ASP B 267 -3.08 -12.76 -12.14
N ALA B 268 -2.54 -11.83 -12.93
CA ALA B 268 -2.74 -10.41 -12.61
C ALA B 268 -4.19 -9.95 -12.76
N ARG B 269 -5.05 -10.73 -13.44
CA ARG B 269 -6.44 -10.32 -13.67
C ARG B 269 -7.25 -10.29 -12.40
N HIS B 270 -6.93 -11.12 -11.42
CA HIS B 270 -7.75 -11.24 -10.22
C HIS B 270 -6.95 -10.93 -8.96
N SER B 271 -7.68 -10.68 -7.87
CA SER B 271 -7.11 -10.44 -6.55
CA SER B 271 -7.10 -10.45 -6.55
C SER B 271 -7.58 -11.55 -5.62
N THR B 272 -6.63 -12.31 -5.04
CA THR B 272 -6.95 -13.41 -4.12
C THR B 272 -6.34 -13.18 -2.73
N THR B 273 -7.15 -13.34 -1.69
CA THR B 273 -6.72 -13.08 -0.31
C THR B 273 -5.79 -14.18 0.21
N GLN B 274 -5.14 -13.90 1.35
CA GLN B 274 -4.26 -14.85 2.04
C GLN B 274 -5.10 -15.83 2.85
N PRO B 275 -4.71 -17.11 2.91
CA PRO B 275 -5.50 -18.08 3.68
C PRO B 275 -5.61 -17.65 5.14
N ARG B 276 -6.84 -17.69 5.66
CA ARG B 276 -7.17 -17.39 7.05
C ARG B 276 -7.99 -18.54 7.62
N LYS B 277 -7.95 -18.67 8.96
CA LYS B 277 -8.64 -19.76 9.64
C LYS B 277 -10.15 -19.55 9.68
N THR B 278 -10.92 -20.59 9.35
CA THR B 278 -12.34 -20.58 9.69
C THR B 278 -12.51 -20.73 11.19
N LYS B 279 -13.68 -20.34 11.69
CA LYS B 279 -13.93 -20.44 13.12
C LYS B 279 -13.73 -21.87 13.61
N GLY B 280 -14.21 -22.84 12.83
CA GLY B 280 -13.99 -24.22 13.18
C GLY B 280 -12.68 -24.74 12.63
N SER B 281 -12.74 -25.52 11.54
CA SER B 281 -11.61 -26.30 11.08
C SER B 281 -11.31 -25.97 9.62
N GLY B 282 -10.10 -25.50 9.36
CA GLY B 282 -9.64 -25.26 8.01
C GLY B 282 -9.48 -23.77 7.72
N PHE B 283 -9.11 -23.51 6.48
CA PHE B 283 -8.80 -22.17 6.00
C PHE B 283 -9.84 -21.75 4.96
N PHE B 284 -9.81 -20.45 4.63
CA PHE B 284 -10.61 -19.93 3.52
C PHE B 284 -9.82 -18.83 2.81
N VAL B 285 -10.15 -18.63 1.54
CA VAL B 285 -9.69 -17.49 0.73
C VAL B 285 -10.86 -16.97 -0.09
N PHE B 286 -10.80 -15.68 -0.45
CA PHE B 286 -11.71 -15.04 -1.41
C PHE B 286 -10.91 -14.63 -2.64
N SER B 287 -11.52 -14.75 -3.83
CA SER B 287 -10.93 -14.19 -5.05
C SER B 287 -11.94 -13.29 -5.79
N ARG B 288 -11.47 -12.15 -6.34
CA ARG B 288 -12.30 -11.17 -7.03
C ARG B 288 -11.78 -10.94 -8.45
N LEU B 289 -12.67 -11.03 -9.45
CA LEU B 289 -12.31 -10.88 -10.87
C LEU B 289 -13.29 -9.94 -11.57
N GLU B 290 -12.80 -8.78 -12.03
CA GLU B 290 -13.61 -7.89 -12.86
C GLU B 290 -13.54 -8.33 -14.33
N VAL B 291 -14.68 -8.45 -15.00
CA VAL B 291 -14.72 -8.90 -16.39
C VAL B 291 -15.42 -7.86 -17.25
N THR B 292 -15.17 -7.90 -18.57
CA THR B 292 -15.73 -6.90 -19.50
C THR B 292 -16.78 -7.49 -20.43
N ARG B 293 -17.58 -6.60 -21.02
CA ARG B 293 -18.66 -7.01 -21.92
C ARG B 293 -18.15 -7.85 -23.09
N ALA B 294 -17.02 -7.45 -23.70
CA ALA B 294 -16.49 -8.22 -24.82
C ALA B 294 -16.15 -9.65 -24.43
N GLU B 295 -15.77 -9.90 -23.17
CA GLU B 295 -15.45 -11.27 -22.77
C GLU B 295 -16.70 -12.12 -22.69
N TRP B 296 -17.74 -11.62 -22.03
CA TRP B 296 -18.92 -12.46 -21.91
C TRP B 296 -19.70 -12.54 -23.21
N GLU B 297 -19.55 -11.56 -24.11
CA GLU B 297 -20.13 -11.73 -25.43
C GLU B 297 -19.38 -12.78 -26.23
N GLN B 298 -18.09 -12.97 -25.94
CA GLN B 298 -17.35 -14.09 -26.52
C GLN B 298 -17.87 -15.42 -26.03
N LYS B 299 -17.89 -15.61 -24.70
CA LYS B 299 -18.52 -16.76 -24.08
C LYS B 299 -18.90 -16.39 -22.65
N ASP B 300 -20.17 -16.63 -22.31
CA ASP B 300 -20.68 -16.19 -21.01
C ASP B 300 -20.57 -17.35 -20.02
N GLU B 301 -19.33 -17.64 -19.63
CA GLU B 301 -19.03 -18.69 -18.66
C GLU B 301 -17.65 -18.41 -18.07
N PHE B 302 -17.59 -18.17 -16.76
CA PHE B 302 -16.34 -17.93 -16.05
C PHE B 302 -16.20 -18.97 -14.93
N ILE B 303 -15.07 -19.66 -14.86
CA ILE B 303 -14.90 -20.79 -13.93
C ILE B 303 -13.87 -20.42 -12.87
N CYS B 304 -14.25 -20.52 -11.59
CA CYS B 304 -13.29 -20.45 -10.50
C CYS B 304 -12.82 -21.87 -10.14
N ARG B 305 -11.49 -22.10 -10.16
CA ARG B 305 -10.95 -23.44 -9.94
C ARG B 305 -9.95 -23.43 -8.79
N ALA B 306 -10.08 -24.38 -7.87
CA ALA B 306 -9.10 -24.54 -6.80
C ALA B 306 -8.35 -25.85 -7.00
N VAL B 307 -7.03 -25.80 -6.83
CA VAL B 307 -6.17 -26.97 -6.86
C VAL B 307 -5.64 -27.21 -5.44
N HIS B 308 -5.84 -28.43 -4.91
CA HIS B 308 -5.54 -28.73 -3.51
C HIS B 308 -5.33 -30.24 -3.36
N GLU B 309 -4.39 -30.63 -2.49
CA GLU B 309 -4.02 -32.05 -2.43
C GLU B 309 -5.18 -32.94 -1.97
N ALA B 310 -6.11 -32.42 -1.18
CA ALA B 310 -7.21 -33.23 -0.66
C ALA B 310 -8.44 -33.23 -1.54
N ALA B 311 -8.45 -32.45 -2.63
CA ALA B 311 -9.61 -32.48 -3.52
C ALA B 311 -9.62 -33.79 -4.30
N SER B 312 -10.79 -34.39 -4.44
CA SER B 312 -10.87 -35.69 -5.11
CA SER B 312 -10.92 -35.71 -5.06
C SER B 312 -11.86 -35.65 -6.28
N PRO B 313 -11.58 -36.44 -7.33
CA PRO B 313 -10.53 -37.44 -7.48
C PRO B 313 -9.18 -37.00 -8.10
N SER B 314 -9.09 -35.75 -8.55
CA SER B 314 -7.93 -35.32 -9.32
C SER B 314 -7.37 -34.01 -8.80
N GLN B 315 -7.54 -33.77 -7.51
CA GLN B 315 -6.97 -32.61 -6.84
C GLN B 315 -7.53 -31.27 -7.35
N THR B 316 -8.73 -31.25 -7.95
CA THR B 316 -9.33 -29.96 -8.31
C THR B 316 -10.82 -29.95 -7.94
N VAL B 317 -11.33 -28.75 -7.67
CA VAL B 317 -12.76 -28.48 -7.48
C VAL B 317 -13.05 -27.16 -8.21
N GLN B 318 -14.15 -27.10 -8.97
CA GLN B 318 -14.42 -25.86 -9.71
C GLN B 318 -15.92 -25.60 -9.82
N ARG B 319 -16.27 -24.32 -9.99
CA ARG B 319 -17.66 -23.87 -10.17
C ARG B 319 -17.72 -22.74 -11.20
N ALA B 320 -18.72 -22.77 -12.11
CA ALA B 320 -18.88 -21.76 -13.15
C ALA B 320 -19.94 -20.73 -12.76
N VAL B 321 -19.80 -19.49 -13.29
CA VAL B 321 -20.83 -18.47 -13.14
C VAL B 321 -21.00 -17.76 -14.49
N SER B 322 -22.24 -17.33 -14.79
CA SER B 322 -22.55 -16.55 -15.98
CA SER B 322 -22.54 -16.54 -15.97
C SER B 322 -23.08 -15.18 -15.56
N VAL B 323 -22.89 -14.18 -16.42
CA VAL B 323 -23.32 -12.82 -16.08
CA VAL B 323 -23.29 -12.80 -16.11
C VAL B 323 -24.65 -12.44 -16.70
N ASN B 324 -25.10 -13.12 -17.74
CA ASN B 324 -26.33 -12.83 -18.44
C ASN B 324 -27.25 -14.04 -18.47
N PRO B 325 -28.57 -13.85 -18.69
CA PRO B 325 -29.55 -14.91 -18.88
C PRO B 325 -29.69 -15.35 -20.35
#